data_1HXQ
#
_entry.id   1HXQ
#
_cell.length_a   57.200
_cell.length_b   215.400
_cell.length_c   68.900
_cell.angle_alpha   90.00
_cell.angle_beta   90.00
_cell.angle_gamma   90.00
#
_symmetry.space_group_name_H-M   'P 21 21 2'
#
loop_
_entity.id
_entity.type
_entity.pdbx_description
1 polymer 'HEXOSE-1-PHOSPHATE URIDYLYLTRANSFERASE'
2 non-polymer 'ZINC ION'
3 non-polymer 'FE (III) ION'
4 non-polymer "URIDINE-5'-MONOPHOSPHATE"
5 water water
#
_entity_poly.entity_id   1
_entity_poly.type   'polypeptide(L)'
_entity_poly.pdbx_seq_one_letter_code
;MTQFNPVDHPHRRYNPLTGQWILVSPHRAKRPWQGAQETPAKQVLPAHDPDCFLCAGNVRVTGDKNPDYTGTYVFTNDFA
ALMSDTPDAPESHDPLMRCQSARGTSRVICFSPDHSKTLPELSVAALTEIVKTWQEQTAELGKTYPWVQVFENKGAAMGC
SNPHPHGQIWANSFLPNEAEREDRLQKEYFAEQKSPMLVDYVQRELADGSRTVVETEHWLAVVPYWAAWPFETLLLPKAH
VLRITDLTDAQRSDLALALKKLTSRYDNLFQCSFPYSMGWHGAPFNGEENQHWQLHAHFYPPLLRSATVRKFMVGYEMLA
ETQRDLTAEQAAERLRAVSDIHFRESGV
;
_entity_poly.pdbx_strand_id   A,B
#
loop_
_chem_comp.id
_chem_comp.type
_chem_comp.name
_chem_comp.formula
FE non-polymer 'FE (III) ION' 'Fe 3'
U5P non-polymer URIDINE-5'-MONOPHOSPHATE 'C9 H13 N2 O9 P'
ZN non-polymer 'ZINC ION' 'Zn 2'
#
# COMPACT_ATOMS: atom_id res chain seq x y z
N THR A 2 -12.07 -9.36 -31.72
CA THR A 2 -13.09 -9.35 -30.68
C THR A 2 -13.29 -7.94 -30.21
N GLN A 3 -14.54 -7.69 -29.82
CA GLN A 3 -14.88 -6.37 -29.35
C GLN A 3 -14.74 -6.26 -27.82
N PHE A 4 -14.11 -5.16 -27.44
CA PHE A 4 -13.85 -4.82 -26.06
C PHE A 4 -15.09 -4.69 -25.20
N ASN A 5 -15.03 -5.37 -24.06
CA ASN A 5 -16.12 -5.36 -23.09
C ASN A 5 -15.38 -5.55 -21.76
N PRO A 6 -15.26 -4.45 -20.99
CA PRO A 6 -14.58 -4.43 -19.71
C PRO A 6 -15.21 -5.43 -18.79
N VAL A 7 -16.38 -5.97 -19.10
CA VAL A 7 -16.82 -6.91 -18.10
C VAL A 7 -16.07 -8.15 -18.37
N ASP A 8 -15.50 -8.25 -19.56
CA ASP A 8 -14.77 -9.46 -19.87
C ASP A 8 -13.29 -9.29 -20.04
N HIS A 9 -12.92 -8.12 -20.54
CA HIS A 9 -11.52 -7.86 -20.80
C HIS A 9 -10.71 -7.00 -19.86
N PRO A 10 -9.45 -7.42 -19.61
CA PRO A 10 -8.56 -6.67 -18.73
C PRO A 10 -8.36 -5.27 -19.27
N HIS A 11 -8.08 -4.35 -18.36
CA HIS A 11 -7.89 -2.99 -18.78
C HIS A 11 -7.43 -2.28 -17.51
N ARG A 12 -7.13 -1.01 -17.66
CA ARG A 12 -6.69 -0.21 -16.53
C ARG A 12 -7.67 0.95 -16.39
N ARG A 13 -7.94 1.35 -15.14
CA ARG A 13 -8.85 2.47 -14.85
C ARG A 13 -8.03 3.57 -14.14
N TYR A 14 -8.24 4.81 -14.51
CA TYR A 14 -7.51 5.90 -13.91
C TYR A 14 -8.18 6.47 -12.67
N ASN A 15 -7.42 6.83 -11.64
CA ASN A 15 -7.97 7.38 -10.41
C ASN A 15 -7.57 8.82 -10.54
N PRO A 16 -8.52 9.70 -10.83
CA PRO A 16 -8.20 11.11 -10.99
C PRO A 16 -7.86 11.80 -9.71
N LEU A 17 -7.97 11.10 -8.58
CA LEU A 17 -7.62 11.78 -7.33
C LEU A 17 -6.15 11.55 -7.00
N THR A 18 -5.53 10.56 -7.65
CA THR A 18 -4.13 10.27 -7.36
C THR A 18 -3.33 10.29 -8.63
N GLY A 19 -4.01 10.29 -9.74
CA GLY A 19 -3.32 10.32 -11.02
C GLY A 19 -2.68 8.99 -11.36
N GLN A 20 -3.16 7.92 -10.75
CA GLN A 20 -2.62 6.60 -11.02
C GLN A 20 -3.62 5.67 -11.65
N TRP A 21 -3.14 4.58 -12.21
CA TRP A 21 -4.07 3.63 -12.84
C TRP A 21 -4.20 2.41 -11.95
N ILE A 22 -5.23 1.62 -12.22
CA ILE A 22 -5.53 0.39 -11.49
C ILE A 22 -5.74 -0.62 -12.58
N LEU A 23 -5.12 -1.77 -12.43
CA LEU A 23 -5.28 -2.76 -13.46
C LEU A 23 -6.38 -3.69 -13.06
N VAL A 24 -7.31 -3.90 -14.00
CA VAL A 24 -8.42 -4.77 -13.73
C VAL A 24 -8.44 -5.99 -14.60
N SER A 25 -8.61 -7.15 -13.99
CA SER A 25 -8.64 -8.42 -14.70
C SER A 25 -9.91 -9.12 -14.44
N PRO A 26 -10.94 -8.69 -15.11
CA PRO A 26 -12.23 -9.30 -14.91
C PRO A 26 -12.43 -10.77 -15.15
N HIS A 27 -11.67 -11.38 -16.05
CA HIS A 27 -11.95 -12.79 -16.23
C HIS A 27 -11.55 -13.59 -15.06
N ARG A 28 -10.87 -12.89 -14.19
CA ARG A 28 -10.47 -13.65 -13.05
C ARG A 28 -11.49 -13.66 -11.94
N ALA A 29 -12.62 -13.01 -12.12
CA ALA A 29 -13.56 -13.05 -11.02
C ALA A 29 -14.92 -13.50 -11.49
N LYS A 30 -14.92 -14.56 -12.28
CA LYS A 30 -16.16 -15.10 -12.83
C LYS A 30 -16.52 -16.44 -12.22
N ARG A 31 -15.80 -16.82 -11.17
CA ARG A 31 -16.08 -18.09 -10.52
C ARG A 31 -17.19 -17.92 -9.51
N PRO A 32 -18.06 -18.91 -9.42
CA PRO A 32 -19.11 -18.71 -8.43
C PRO A 32 -18.45 -18.49 -7.06
N TRP A 33 -19.32 -18.24 -6.11
CA TRP A 33 -18.92 -17.99 -4.75
C TRP A 33 -19.08 -19.17 -3.83
N GLN A 34 -18.08 -19.37 -3.02
CA GLN A 34 -18.08 -20.52 -2.15
C GLN A 34 -18.69 -20.14 -0.82
N GLY A 35 -19.29 -21.13 -0.19
CA GLY A 35 -19.90 -20.86 1.09
C GLY A 35 -19.16 -20.21 2.21
N ALA A 36 -19.98 -19.80 3.17
CA ALA A 36 -19.58 -19.06 4.37
C ALA A 36 -18.46 -18.03 4.11
N VAL A 44 -18.45 -12.08 21.01
CA VAL A 44 -19.42 -11.49 21.93
C VAL A 44 -18.73 -10.73 23.07
N LEU A 45 -18.65 -9.41 22.93
CA LEU A 45 -18.00 -8.56 23.92
C LEU A 45 -18.89 -7.83 24.94
N PRO A 46 -18.31 -7.50 26.13
CA PRO A 46 -18.96 -6.78 27.24
C PRO A 46 -19.04 -5.31 26.87
N ALA A 47 -19.98 -4.58 27.44
CA ALA A 47 -20.09 -3.17 27.13
C ALA A 47 -18.96 -2.49 27.84
N HIS A 48 -18.38 -3.16 28.82
CA HIS A 48 -17.27 -2.52 29.51
C HIS A 48 -16.24 -3.55 29.87
N ASP A 49 -14.99 -3.22 29.61
CA ASP A 49 -13.90 -4.13 29.94
C ASP A 49 -12.94 -3.47 30.93
N PRO A 50 -12.69 -4.17 32.03
CA PRO A 50 -11.85 -3.84 33.18
C PRO A 50 -10.44 -3.50 32.82
N ASP A 51 -9.93 -4.18 31.81
CA ASP A 51 -8.57 -3.84 31.48
C ASP A 51 -8.43 -2.99 30.25
N CYS A 52 -9.55 -2.68 29.60
CA CYS A 52 -9.45 -1.87 28.39
C CYS A 52 -8.93 -0.46 28.68
N PHE A 53 -7.83 -0.09 28.03
CA PHE A 53 -7.21 1.23 28.21
C PHE A 53 -8.06 2.34 27.59
N LEU A 54 -9.02 1.94 26.77
CA LEU A 54 -9.89 2.91 26.10
C LEU A 54 -11.25 2.99 26.79
N CYS A 55 -11.51 2.08 27.70
CA CYS A 55 -12.77 2.07 28.41
C CYS A 55 -12.90 3.23 29.41
N ALA A 56 -14.13 3.62 29.65
CA ALA A 56 -14.43 4.71 30.59
C ALA A 56 -14.03 4.28 32.00
N GLY A 57 -13.45 5.23 32.73
CA GLY A 57 -13.02 4.95 34.08
C GLY A 57 -11.78 4.06 34.18
N ASN A 58 -11.14 3.64 33.10
CA ASN A 58 -9.98 2.79 33.29
C ASN A 58 -8.72 3.60 33.17
N VAL A 59 -7.62 3.08 33.69
CA VAL A 59 -6.38 3.82 33.60
C VAL A 59 -5.72 3.36 32.33
N ARG A 60 -5.04 4.31 31.72
CA ARG A 60 -4.38 3.96 30.49
C ARG A 60 -3.05 3.38 30.88
N VAL A 61 -2.30 3.06 29.85
CA VAL A 61 -0.99 2.48 30.05
C VAL A 61 -0.07 3.45 30.75
N THR A 62 -0.35 4.74 30.70
CA THR A 62 0.55 5.67 31.36
C THR A 62 0.01 5.96 32.73
N GLY A 63 -1.07 5.30 33.09
CA GLY A 63 -1.53 5.63 34.40
C GLY A 63 -2.61 6.67 34.36
N ASP A 64 -2.93 7.25 33.23
CA ASP A 64 -3.97 8.20 33.33
C ASP A 64 -5.24 7.45 33.17
N LYS A 65 -6.20 8.01 33.90
CA LYS A 65 -7.53 7.48 33.95
C LYS A 65 -8.44 8.21 33.05
N ASN A 66 -9.15 7.38 32.34
CA ASN A 66 -10.08 7.99 31.45
C ASN A 66 -11.24 8.35 32.32
N PRO A 67 -11.98 9.36 31.86
CA PRO A 67 -13.16 9.81 32.58
C PRO A 67 -14.30 8.84 32.39
N ASP A 68 -15.34 9.11 33.15
CA ASP A 68 -16.53 8.30 33.14
C ASP A 68 -17.34 8.90 32.01
N TYR A 69 -16.79 8.91 30.79
CA TYR A 69 -17.51 9.50 29.67
C TYR A 69 -18.76 8.76 29.23
N THR A 70 -19.73 9.50 28.75
CA THR A 70 -20.94 8.81 28.36
C THR A 70 -21.09 8.69 26.87
N GLY A 71 -20.39 9.58 26.17
CA GLY A 71 -20.46 9.58 24.73
C GLY A 71 -19.09 9.30 24.13
N THR A 72 -18.59 10.28 23.38
CA THR A 72 -17.28 10.11 22.78
C THR A 72 -16.29 10.69 23.77
N TYR A 73 -15.03 10.36 23.53
CA TYR A 73 -13.96 10.87 24.38
C TYR A 73 -12.69 10.98 23.55
N VAL A 74 -12.04 12.13 23.64
CA VAL A 74 -10.82 12.38 22.91
C VAL A 74 -9.66 12.68 23.81
N PHE A 75 -8.55 12.07 23.47
CA PHE A 75 -7.39 12.28 24.28
C PHE A 75 -6.14 12.26 23.46
N THR A 76 -5.10 12.92 23.95
CA THR A 76 -3.84 12.94 23.21
C THR A 76 -3.16 11.58 23.23
N ASN A 77 -2.81 11.10 22.05
CA ASN A 77 -2.15 9.79 21.96
C ASN A 77 -1.04 9.77 22.96
N ASP A 78 -0.99 8.73 23.75
CA ASP A 78 0.08 8.75 24.70
C ASP A 78 1.42 8.54 24.04
N PHE A 79 1.49 8.27 22.74
CA PHE A 79 2.77 8.04 22.08
C PHE A 79 2.67 8.70 20.72
N ALA A 80 2.31 9.97 20.80
CA ALA A 80 2.15 10.77 19.62
C ALA A 80 3.35 10.71 18.73
N ALA A 81 3.08 10.47 17.46
CA ALA A 81 4.13 10.38 16.47
C ALA A 81 4.64 11.76 16.05
N LEU A 82 3.91 12.82 16.43
CA LEU A 82 4.30 14.18 16.08
C LEU A 82 4.09 15.05 17.33
N MET A 83 4.75 16.20 17.33
CA MET A 83 4.68 17.14 18.43
C MET A 83 4.65 18.51 17.81
N SER A 84 4.17 19.45 18.59
CA SER A 84 4.03 20.82 18.11
C SER A 84 5.25 21.62 18.23
N ASP A 85 6.26 21.21 18.99
CA ASP A 85 7.41 22.12 19.06
C ASP A 85 8.71 21.69 18.44
N THR A 86 8.59 20.71 17.56
CA THR A 86 9.74 20.18 16.86
C THR A 86 10.49 21.25 16.14
N PRO A 87 11.81 21.26 16.35
CA PRO A 87 12.53 22.31 15.66
C PRO A 87 12.51 22.04 14.20
N ASP A 88 12.77 23.09 13.49
CA ASP A 88 12.79 23.00 12.07
C ASP A 88 14.05 22.37 11.55
N ALA A 89 13.90 21.53 10.54
CA ALA A 89 15.08 20.90 9.96
C ALA A 89 15.64 22.01 9.06
N PRO A 90 16.96 22.01 8.86
CA PRO A 90 17.54 23.06 8.01
C PRO A 90 17.13 22.95 6.56
N GLU A 91 17.25 24.03 5.82
CA GLU A 91 16.84 23.88 4.43
C GLU A 91 17.87 23.12 3.61
N SER A 92 17.40 22.49 2.54
CA SER A 92 18.34 21.75 1.73
C SER A 92 17.72 21.53 0.34
N HIS A 93 18.56 21.45 -0.70
CA HIS A 93 18.21 21.23 -2.12
C HIS A 93 18.80 19.89 -2.72
N ASP A 94 19.41 19.09 -1.84
CA ASP A 94 20.05 17.78 -2.14
C ASP A 94 19.08 16.97 -2.97
N PRO A 95 19.46 16.70 -4.21
CA PRO A 95 18.44 15.95 -4.92
C PRO A 95 18.50 14.50 -4.51
N LEU A 96 19.33 14.13 -3.55
CA LEU A 96 19.26 12.70 -3.27
C LEU A 96 18.81 12.42 -1.87
N MET A 97 19.37 13.14 -0.92
CA MET A 97 18.99 12.92 0.46
C MET A 97 18.73 14.23 1.09
N ARG A 98 17.46 14.41 1.39
CA ARG A 98 17.07 15.65 2.01
C ARG A 98 15.83 15.40 2.83
N CYS A 99 15.65 16.21 3.89
CA CYS A 99 14.50 16.09 4.78
C CYS A 99 13.88 17.47 5.02
N GLN A 100 12.65 17.49 5.49
CA GLN A 100 11.95 18.75 5.76
C GLN A 100 11.40 18.56 7.15
N SER A 101 10.86 19.63 7.71
CA SER A 101 10.30 19.59 9.06
C SER A 101 8.97 18.89 9.23
N ALA A 102 8.70 18.45 10.46
CA ALA A 102 7.43 17.79 10.72
C ALA A 102 6.88 18.11 12.10
N ARG A 103 5.76 18.83 12.20
CA ARG A 103 5.21 19.11 13.52
C ARG A 103 3.80 18.68 13.44
N GLY A 104 3.16 18.49 14.59
CA GLY A 104 1.78 18.07 14.55
C GLY A 104 1.49 17.39 15.86
N THR A 105 0.36 16.69 15.92
CA THR A 105 -0.06 15.99 17.12
C THR A 105 -1.03 14.88 16.72
N SER A 106 -1.35 14.02 17.68
CA SER A 106 -2.27 12.94 17.37
C SER A 106 -3.16 12.70 18.56
N ARG A 107 -4.44 12.47 18.29
CA ARG A 107 -5.38 12.23 19.40
C ARG A 107 -6.19 11.00 19.07
N VAL A 108 -6.75 10.40 20.10
CA VAL A 108 -7.55 9.22 19.91
C VAL A 108 -8.98 9.61 20.27
N ILE A 109 -9.93 9.02 19.55
CA ILE A 109 -11.32 9.33 19.83
C ILE A 109 -12.15 8.07 20.06
N CYS A 110 -12.60 7.87 21.28
CA CYS A 110 -13.41 6.70 21.56
C CYS A 110 -14.79 7.10 21.07
N PHE A 111 -15.38 6.19 20.33
CA PHE A 111 -16.70 6.44 19.79
C PHE A 111 -17.80 6.48 20.84
N SER A 112 -17.68 5.67 21.86
CA SER A 112 -18.68 5.65 22.88
C SER A 112 -18.08 4.71 23.88
N PRO A 113 -18.60 4.73 25.09
CA PRO A 113 -18.13 3.88 26.16
C PRO A 113 -18.43 2.42 26.00
N ASP A 114 -19.29 2.10 25.04
CA ASP A 114 -19.58 0.70 24.90
C ASP A 114 -18.47 0.01 24.16
N HIS A 115 -17.74 -0.78 24.91
CA HIS A 115 -16.61 -1.51 24.38
C HIS A 115 -16.91 -2.45 23.23
N SER A 116 -18.18 -2.84 23.13
CA SER A 116 -18.58 -3.76 22.09
C SER A 116 -19.39 -3.26 20.92
N LYS A 117 -19.74 -1.98 20.87
CA LYS A 117 -20.53 -1.53 19.75
C LYS A 117 -19.77 -0.73 18.74
N THR A 118 -19.60 -1.31 17.56
CA THR A 118 -18.88 -0.63 16.48
C THR A 118 -19.83 0.32 15.85
N LEU A 119 -19.28 1.08 14.91
CA LEU A 119 -20.11 2.04 14.23
C LEU A 119 -21.49 1.63 13.73
N PRO A 120 -21.56 0.59 12.90
CA PRO A 120 -22.88 0.19 12.41
C PRO A 120 -23.85 -0.19 13.50
N GLU A 121 -23.34 -0.38 14.71
CA GLU A 121 -24.14 -0.76 15.87
C GLU A 121 -24.51 0.36 16.84
N LEU A 122 -24.17 1.60 16.51
CA LEU A 122 -24.45 2.76 17.37
C LEU A 122 -25.66 3.48 16.85
N SER A 123 -26.38 4.11 17.75
CA SER A 123 -27.56 4.79 17.28
C SER A 123 -27.21 5.95 16.40
N VAL A 124 -28.18 6.37 15.61
CA VAL A 124 -27.88 7.50 14.76
C VAL A 124 -27.56 8.70 15.63
N ALA A 125 -28.08 8.72 16.85
CA ALA A 125 -27.79 9.87 17.67
C ALA A 125 -26.34 9.80 18.10
N ALA A 126 -25.93 8.60 18.50
CA ALA A 126 -24.55 8.49 18.92
C ALA A 126 -23.64 8.82 17.76
N LEU A 127 -23.97 8.30 16.59
CA LEU A 127 -23.10 8.60 15.46
C LEU A 127 -23.07 10.09 15.16
N THR A 128 -24.18 10.77 15.42
CA THR A 128 -24.19 12.19 15.13
C THR A 128 -23.24 12.90 16.10
N GLU A 129 -23.16 12.37 17.31
CA GLU A 129 -22.28 12.97 18.31
C GLU A 129 -20.85 12.79 17.84
N ILE A 130 -20.60 11.65 17.19
CA ILE A 130 -19.25 11.35 16.68
C ILE A 130 -18.88 12.36 15.63
N VAL A 131 -19.82 12.61 14.73
CA VAL A 131 -19.54 13.56 13.68
C VAL A 131 -19.24 14.87 14.37
N LYS A 132 -20.02 15.19 15.40
CA LYS A 132 -19.73 16.47 16.03
C LYS A 132 -18.35 16.65 16.55
N THR A 133 -17.94 15.59 17.19
CA THR A 133 -16.64 15.57 17.76
C THR A 133 -15.65 15.68 16.60
N TRP A 134 -15.89 14.97 15.51
CA TRP A 134 -14.91 15.11 14.44
C TRP A 134 -14.81 16.55 14.01
N GLN A 135 -15.95 17.22 13.96
CA GLN A 135 -15.93 18.62 13.52
C GLN A 135 -15.19 19.52 14.51
N GLU A 136 -15.52 19.35 15.77
CA GLU A 136 -14.86 20.17 16.77
C GLU A 136 -13.37 19.99 16.72
N GLN A 137 -12.93 18.76 16.63
CA GLN A 137 -11.50 18.56 16.59
C GLN A 137 -10.93 19.08 15.32
N THR A 138 -11.60 18.82 14.22
CA THR A 138 -11.00 19.34 13.01
C THR A 138 -11.00 20.85 13.10
N ALA A 139 -12.06 21.42 13.66
CA ALA A 139 -12.07 22.86 13.76
C ALA A 139 -10.98 23.41 14.67
N GLU A 140 -10.72 22.73 15.78
CA GLU A 140 -9.70 23.23 16.69
C GLU A 140 -8.29 23.10 16.18
N LEU A 141 -7.94 21.92 15.67
CA LEU A 141 -6.60 21.75 15.18
C LEU A 141 -6.32 22.52 13.93
N GLY A 142 -7.37 22.77 13.18
CA GLY A 142 -7.12 23.50 11.95
C GLY A 142 -6.73 24.92 12.21
N LYS A 143 -6.89 25.33 13.45
CA LYS A 143 -6.54 26.71 13.78
C LYS A 143 -5.01 26.79 13.69
N THR A 144 -4.36 25.68 13.95
CA THR A 144 -2.92 25.69 13.90
C THR A 144 -2.25 24.90 12.80
N TYR A 145 -2.87 23.84 12.37
CA TYR A 145 -2.25 23.05 11.34
C TYR A 145 -3.06 23.00 10.09
N PRO A 146 -2.39 22.97 8.94
CA PRO A 146 -3.09 22.92 7.65
C PRO A 146 -3.70 21.62 7.26
N TRP A 147 -3.28 20.53 7.88
CA TRP A 147 -3.89 19.32 7.45
C TRP A 147 -4.30 18.65 8.73
N VAL A 148 -5.55 18.23 8.79
CA VAL A 148 -6.01 17.55 9.98
C VAL A 148 -6.55 16.28 9.36
N GLN A 149 -6.10 15.14 9.83
CA GLN A 149 -6.59 13.92 9.23
C GLN A 149 -7.36 13.06 10.21
N VAL A 150 -8.65 12.88 9.99
CA VAL A 150 -9.42 12.06 10.89
C VAL A 150 -9.46 10.66 10.28
N PHE A 151 -9.33 9.61 11.06
CA PHE A 151 -9.36 8.33 10.42
C PHE A 151 -9.70 7.28 11.43
N GLU A 152 -9.83 6.06 10.98
CA GLU A 152 -10.14 4.99 11.89
C GLU A 152 -9.47 3.76 11.32
N ASN A 153 -8.98 2.90 12.20
CA ASN A 153 -8.33 1.70 11.74
C ASN A 153 -9.03 0.70 12.54
N LYS A 154 -9.81 -0.12 11.86
CA LYS A 154 -10.53 -1.08 12.61
C LYS A 154 -10.25 -2.50 12.33
N GLY A 155 -10.10 -3.25 13.42
CA GLY A 155 -9.87 -4.66 13.31
C GLY A 155 -8.47 -5.18 13.40
N ALA A 156 -8.35 -6.39 13.91
CA ALA A 156 -7.04 -6.99 14.04
C ALA A 156 -6.34 -7.05 12.70
N ALA A 157 -7.09 -7.33 11.64
CA ALA A 157 -6.43 -7.41 10.33
C ALA A 157 -5.76 -6.13 9.91
N MET A 158 -6.17 -5.06 10.58
CA MET A 158 -5.57 -3.78 10.25
C MET A 158 -4.54 -3.53 11.32
N GLY A 159 -4.25 -4.53 12.15
CA GLY A 159 -3.25 -4.33 13.19
C GLY A 159 -3.59 -3.74 14.56
N CYS A 160 -4.85 -3.32 14.67
CA CYS A 160 -5.42 -2.73 15.86
C CYS A 160 -5.32 -3.70 17.03
N SER A 161 -4.57 -3.33 18.06
CA SER A 161 -4.43 -4.21 19.22
C SER A 161 -5.69 -4.14 20.06
N ASN A 162 -6.16 -2.92 20.27
CA ASN A 162 -7.34 -2.72 21.05
C ASN A 162 -8.58 -2.43 20.29
N PRO A 163 -9.49 -3.38 20.48
CA PRO A 163 -10.79 -3.46 19.86
C PRO A 163 -11.81 -2.50 20.36
N HIS A 164 -11.49 -1.65 21.32
CA HIS A 164 -12.56 -0.76 21.74
C HIS A 164 -12.75 0.13 20.52
N PRO A 165 -13.99 0.41 20.13
CA PRO A 165 -14.21 1.25 18.95
C PRO A 165 -13.69 2.67 19.06
N HIS A 166 -12.87 3.09 18.11
CA HIS A 166 -12.36 4.43 18.20
C HIS A 166 -11.70 4.81 16.91
N GLY A 167 -11.38 6.09 16.82
CA GLY A 167 -10.73 6.60 15.62
C GLY A 167 -9.51 7.33 16.10
N GLN A 168 -8.87 8.06 15.20
CA GLN A 168 -7.69 8.81 15.57
C GLN A 168 -7.77 10.04 14.71
N ILE A 169 -7.05 11.08 15.14
CA ILE A 169 -6.98 12.35 14.44
C ILE A 169 -5.54 12.83 14.54
N TRP A 170 -4.89 13.09 13.41
CA TRP A 170 -3.51 13.57 13.46
C TRP A 170 -3.58 14.89 12.75
N ALA A 171 -2.76 15.82 13.20
CA ALA A 171 -2.68 17.15 12.62
C ALA A 171 -1.25 17.26 12.11
N ASN A 172 -1.07 17.94 10.98
CA ASN A 172 0.24 18.08 10.42
C ASN A 172 0.51 19.51 10.05
N SER A 173 1.76 19.93 10.19
CA SER A 173 2.15 21.29 9.86
C SER A 173 2.42 21.35 8.35
N PHE A 174 2.24 20.23 7.68
CA PHE A 174 2.49 20.18 6.26
C PHE A 174 1.37 19.39 5.63
N LEU A 175 1.26 19.41 4.30
CA LEU A 175 0.21 18.65 3.60
C LEU A 175 0.84 17.29 3.30
N PRO A 176 0.36 16.18 3.89
CA PRO A 176 0.99 14.88 3.59
C PRO A 176 0.80 14.50 2.12
N ASN A 177 1.57 13.52 1.68
CA ASN A 177 1.51 13.07 0.30
C ASN A 177 0.11 13.07 -0.34
N GLU A 178 -0.79 12.26 0.19
CA GLU A 178 -2.14 12.17 -0.36
C GLU A 178 -2.87 13.47 -0.41
N ALA A 179 -2.65 14.27 0.62
CA ALA A 179 -3.33 15.53 0.65
C ALA A 179 -2.82 16.53 -0.37
N GLU A 180 -1.52 16.54 -0.58
CA GLU A 180 -1.06 17.52 -1.54
C GLU A 180 -1.44 17.09 -2.90
N ARG A 181 -1.45 15.79 -3.12
CA ARG A 181 -1.79 15.33 -4.44
C ARG A 181 -3.26 15.56 -4.79
N GLU A 182 -4.13 15.16 -3.90
CA GLU A 182 -5.55 15.36 -4.18
C GLU A 182 -5.75 16.86 -4.27
N ASP A 183 -5.05 17.63 -3.46
CA ASP A 183 -5.27 19.05 -3.55
C ASP A 183 -4.93 19.57 -4.93
N ARG A 184 -3.76 19.18 -5.38
CA ARG A 184 -3.29 19.60 -6.66
C ARG A 184 -4.14 19.13 -7.82
N LEU A 185 -4.41 17.84 -7.82
CA LEU A 185 -5.20 17.29 -8.89
C LEU A 185 -6.60 17.87 -8.95
N GLN A 186 -7.21 18.12 -7.79
CA GLN A 186 -8.55 18.67 -7.80
C GLN A 186 -8.45 20.08 -8.29
N LYS A 187 -7.38 20.72 -7.92
CA LYS A 187 -7.29 22.08 -8.36
C LYS A 187 -7.19 22.20 -9.85
N GLU A 188 -6.43 21.31 -10.50
CA GLU A 188 -6.30 21.42 -11.95
C GLU A 188 -7.57 21.10 -12.65
N TYR A 189 -8.26 20.16 -12.06
CA TYR A 189 -9.51 19.77 -12.66
C TYR A 189 -10.43 20.95 -12.58
N PHE A 190 -10.40 21.62 -11.45
CA PHE A 190 -11.29 22.73 -11.38
C PHE A 190 -10.89 23.89 -12.22
N ALA A 191 -9.59 24.08 -12.37
CA ALA A 191 -9.18 25.21 -13.17
C ALA A 191 -9.65 25.01 -14.57
N GLU A 192 -9.61 23.71 -14.93
CA GLU A 192 -10.01 23.21 -16.24
C GLU A 192 -11.51 23.02 -16.51
N GLN A 193 -12.23 22.39 -15.59
CA GLN A 193 -13.66 22.13 -15.74
C GLN A 193 -14.68 23.10 -15.18
N LYS A 194 -14.20 23.94 -14.26
CA LYS A 194 -15.02 24.96 -13.61
C LYS A 194 -16.02 24.42 -12.64
N SER A 195 -15.73 23.22 -12.19
CA SER A 195 -16.60 22.59 -11.24
C SER A 195 -15.72 21.60 -10.53
N PRO A 196 -16.08 21.26 -9.28
CA PRO A 196 -15.26 20.32 -8.53
C PRO A 196 -15.36 18.92 -9.02
N MET A 197 -14.19 18.35 -9.17
CA MET A 197 -14.13 16.98 -9.63
C MET A 197 -15.03 16.03 -8.90
N LEU A 198 -15.08 16.07 -7.59
CA LEU A 198 -15.95 15.10 -6.98
C LEU A 198 -17.42 15.41 -6.98
N VAL A 199 -17.75 16.66 -7.23
CA VAL A 199 -19.15 17.08 -7.23
C VAL A 199 -19.78 16.56 -8.52
N ASP A 200 -18.97 16.65 -9.58
CA ASP A 200 -19.38 16.17 -10.91
C ASP A 200 -19.48 14.64 -10.94
N TYR A 201 -18.48 14.01 -10.33
CA TYR A 201 -18.42 12.56 -10.26
C TYR A 201 -19.66 12.02 -9.55
N VAL A 202 -20.10 12.73 -8.51
CA VAL A 202 -21.28 12.32 -7.75
C VAL A 202 -22.50 12.32 -8.69
N GLN A 203 -22.57 13.38 -9.49
CA GLN A 203 -23.67 13.53 -10.43
C GLN A 203 -23.68 12.29 -11.31
N ARG A 204 -22.54 11.97 -11.93
CA ARG A 204 -22.40 10.81 -12.80
C ARG A 204 -22.77 9.55 -12.07
N GLU A 205 -22.29 9.34 -10.86
CA GLU A 205 -22.73 8.08 -10.29
C GLU A 205 -24.18 8.05 -9.89
N LEU A 206 -24.72 9.20 -9.50
CA LEU A 206 -26.13 9.15 -9.11
C LEU A 206 -26.89 8.71 -10.33
N ALA A 207 -26.50 9.24 -11.48
CA ALA A 207 -27.17 8.88 -12.73
C ALA A 207 -27.00 7.48 -13.23
N ASP A 208 -25.88 6.86 -12.89
CA ASP A 208 -25.61 5.51 -13.34
C ASP A 208 -26.17 4.48 -12.40
N GLY A 209 -25.66 4.49 -11.19
CA GLY A 209 -26.16 3.53 -10.24
C GLY A 209 -25.44 2.23 -10.19
N SER A 210 -24.63 1.91 -11.19
CA SER A 210 -23.96 0.62 -11.11
C SER A 210 -22.95 0.46 -9.97
N ARG A 211 -22.39 1.55 -9.44
CA ARG A 211 -21.42 1.42 -8.38
C ARG A 211 -21.93 1.96 -7.06
N THR A 212 -23.21 2.31 -7.05
CA THR A 212 -23.82 2.84 -5.85
C THR A 212 -24.10 1.80 -4.81
N VAL A 213 -23.72 2.11 -3.57
CA VAL A 213 -23.92 1.23 -2.44
C VAL A 213 -24.90 1.75 -1.38
N VAL A 214 -24.93 3.06 -1.16
CA VAL A 214 -25.81 3.73 -0.19
C VAL A 214 -26.13 5.12 -0.73
N GLU A 215 -27.39 5.52 -0.67
CA GLU A 215 -27.73 6.85 -1.16
C GLU A 215 -28.70 7.40 -0.14
N THR A 216 -28.47 8.60 0.36
CA THR A 216 -29.44 9.08 1.30
C THR A 216 -29.74 10.42 0.75
N GLU A 217 -30.48 11.18 1.53
CA GLU A 217 -30.83 12.50 1.05
C GLU A 217 -29.68 13.40 0.78
N HIS A 218 -28.68 13.36 1.64
CA HIS A 218 -27.60 14.26 1.38
C HIS A 218 -26.27 13.59 1.04
N TRP A 219 -26.24 12.28 1.09
CA TRP A 219 -24.99 11.56 0.79
C TRP A 219 -25.06 10.39 -0.18
N LEU A 220 -23.92 10.00 -0.77
CA LEU A 220 -23.85 8.88 -1.72
C LEU A 220 -22.59 8.09 -1.45
N ALA A 221 -22.63 6.77 -1.34
CA ALA A 221 -21.37 6.08 -1.10
C ALA A 221 -21.36 5.15 -2.29
N VAL A 222 -20.23 5.04 -2.98
CA VAL A 222 -20.11 4.17 -4.15
C VAL A 222 -18.80 3.43 -4.05
N VAL A 223 -18.63 2.37 -4.85
CA VAL A 223 -17.38 1.63 -4.84
C VAL A 223 -16.92 2.46 -5.99
N PRO A 224 -15.93 3.32 -5.80
CA PRO A 224 -15.52 4.13 -6.93
C PRO A 224 -15.08 3.47 -8.18
N TYR A 225 -15.28 4.17 -9.28
CA TYR A 225 -14.88 3.56 -10.53
C TYR A 225 -13.45 3.02 -10.46
N TRP A 226 -12.56 3.76 -9.81
CA TRP A 226 -11.13 3.41 -9.69
C TRP A 226 -10.69 2.76 -8.39
N ALA A 227 -11.64 2.18 -7.68
CA ALA A 227 -11.35 1.55 -6.42
C ALA A 227 -10.22 0.54 -6.57
N ALA A 228 -9.40 0.46 -5.52
CA ALA A 228 -8.29 -0.44 -5.48
C ALA A 228 -8.65 -1.64 -4.60
N TRP A 229 -9.19 -1.42 -3.41
CA TRP A 229 -9.51 -2.55 -2.54
C TRP A 229 -10.78 -3.12 -3.05
N PRO A 230 -11.01 -4.41 -2.83
CA PRO A 230 -12.20 -5.10 -3.29
C PRO A 230 -13.49 -4.39 -3.01
N PHE A 231 -13.75 -4.13 -1.74
CA PHE A 231 -14.99 -3.47 -1.42
C PHE A 231 -14.78 -2.07 -0.96
N GLU A 232 -13.77 -1.43 -1.54
CA GLU A 232 -13.48 -0.07 -1.16
C GLU A 232 -14.61 0.86 -1.51
N THR A 233 -14.86 1.88 -0.68
CA THR A 233 -15.91 2.83 -0.97
C THR A 233 -15.39 4.23 -0.85
N LEU A 234 -16.20 5.14 -1.37
CA LEU A 234 -15.95 6.57 -1.38
C LEU A 234 -17.30 7.15 -0.94
N LEU A 235 -17.33 7.85 0.18
CA LEU A 235 -18.59 8.40 0.66
C LEU A 235 -18.52 9.88 0.52
N LEU A 236 -19.42 10.46 -0.26
CA LEU A 236 -19.38 11.88 -0.45
C LEU A 236 -20.72 12.53 -0.28
N PRO A 237 -20.65 13.82 -0.03
CA PRO A 237 -21.93 14.49 0.13
C PRO A 237 -22.33 14.83 -1.28
N LYS A 238 -23.64 14.94 -1.49
CA LYS A 238 -24.12 15.27 -2.81
C LYS A 238 -23.99 16.75 -3.08
N ALA A 239 -23.85 17.58 -2.05
CA ALA A 239 -23.71 19.02 -2.31
C ALA A 239 -22.25 19.40 -2.19
N HIS A 240 -21.87 20.56 -2.71
CA HIS A 240 -20.48 20.97 -2.62
C HIS A 240 -20.23 21.41 -1.17
N VAL A 241 -19.26 20.76 -0.54
CA VAL A 241 -18.88 21.01 0.83
C VAL A 241 -17.37 20.84 0.92
N LEU A 242 -16.69 21.82 1.50
CA LEU A 242 -15.23 21.75 1.61
C LEU A 242 -14.63 20.99 2.76
N ARG A 243 -15.27 21.12 3.91
CA ARG A 243 -14.79 20.44 5.11
C ARG A 243 -15.91 19.92 5.94
N ILE A 244 -15.56 18.96 6.77
CA ILE A 244 -16.56 18.37 7.64
C ILE A 244 -17.17 19.40 8.56
N THR A 245 -16.39 20.41 8.85
CA THR A 245 -16.89 21.43 9.73
C THR A 245 -17.91 22.30 8.99
N ASP A 246 -18.03 22.15 7.69
CA ASP A 246 -18.99 23.00 7.01
C ASP A 246 -20.34 22.37 6.81
N LEU A 247 -20.52 21.15 7.29
CA LEU A 247 -21.83 20.57 7.10
C LEU A 247 -22.97 21.20 7.89
N THR A 248 -24.14 21.22 7.29
CA THR A 248 -25.24 21.81 8.02
C THR A 248 -25.58 20.75 9.02
N ASP A 249 -26.42 21.10 9.98
CA ASP A 249 -26.81 20.13 11.01
C ASP A 249 -27.64 19.02 10.37
N ALA A 250 -28.29 19.32 9.26
CA ALA A 250 -29.09 18.30 8.59
C ALA A 250 -28.17 17.36 7.81
N GLN A 251 -27.14 17.89 7.18
CA GLN A 251 -26.23 17.01 6.44
C GLN A 251 -25.51 16.17 7.44
N ARG A 252 -25.29 16.79 8.59
CA ARG A 252 -24.61 16.09 9.64
C ARG A 252 -25.38 14.89 10.20
N SER A 253 -26.66 15.03 10.50
CA SER A 253 -27.42 13.90 11.03
C SER A 253 -27.57 12.87 9.92
N ASP A 254 -27.67 13.35 8.68
CA ASP A 254 -27.82 12.45 7.52
C ASP A 254 -26.49 11.72 7.32
N LEU A 255 -25.37 12.39 7.61
CA LEU A 255 -24.12 11.67 7.42
C LEU A 255 -24.16 10.54 8.42
N ALA A 256 -24.69 10.83 9.61
CA ALA A 256 -24.73 9.77 10.60
C ALA A 256 -25.51 8.58 10.08
N LEU A 257 -26.60 8.88 9.42
CA LEU A 257 -27.39 7.78 8.92
C LEU A 257 -26.65 7.05 7.78
N ALA A 258 -26.05 7.81 6.88
CA ALA A 258 -25.34 7.21 5.77
C ALA A 258 -24.26 6.31 6.33
N LEU A 259 -23.56 6.78 7.36
CA LEU A 259 -22.52 5.90 7.87
C LEU A 259 -23.04 4.65 8.44
N LYS A 260 -24.16 4.74 9.12
CA LYS A 260 -24.69 3.53 9.71
C LYS A 260 -25.10 2.47 8.70
N LYS A 261 -25.66 2.96 7.60
CA LYS A 261 -26.12 2.05 6.56
C LYS A 261 -24.92 1.46 5.84
N LEU A 262 -23.94 2.30 5.55
CA LEU A 262 -22.73 1.82 4.86
C LEU A 262 -21.98 0.81 5.67
N THR A 263 -21.69 1.15 6.90
CA THR A 263 -20.96 0.13 7.64
C THR A 263 -21.77 -1.09 8.00
N SER A 264 -23.09 -0.98 7.97
CA SER A 264 -23.92 -2.15 8.29
C SER A 264 -23.85 -3.04 7.05
N ARG A 265 -23.82 -2.41 5.88
CA ARG A 265 -23.73 -3.21 4.67
C ARG A 265 -22.38 -3.93 4.72
N TYR A 266 -21.31 -3.26 5.16
CA TYR A 266 -20.03 -3.93 5.20
C TYR A 266 -20.04 -5.14 6.12
N ASP A 267 -20.63 -4.98 7.30
CA ASP A 267 -20.64 -6.11 8.22
C ASP A 267 -21.51 -7.24 7.77
N ASN A 268 -22.57 -6.87 7.07
CA ASN A 268 -23.47 -7.92 6.61
C ASN A 268 -22.92 -8.67 5.40
N LEU A 269 -22.01 -8.00 4.69
CA LEU A 269 -21.43 -8.64 3.52
C LEU A 269 -20.93 -10.03 3.88
N PHE A 270 -20.11 -10.15 4.92
CA PHE A 270 -19.60 -11.47 5.31
C PHE A 270 -20.19 -11.83 6.69
N GLN A 271 -21.15 -11.03 7.15
CA GLN A 271 -21.76 -11.29 8.44
C GLN A 271 -20.72 -11.36 9.49
N CYS A 272 -19.87 -10.34 9.54
CA CYS A 272 -18.83 -10.37 10.55
C CYS A 272 -18.43 -8.92 10.70
N SER A 273 -17.65 -8.61 11.74
CA SER A 273 -17.22 -7.24 11.92
C SER A 273 -16.15 -7.08 10.82
N PHE A 274 -16.47 -6.25 9.83
CA PHE A 274 -15.64 -5.93 8.65
C PHE A 274 -14.48 -4.96 8.91
N PRO A 275 -13.23 -5.47 8.88
CA PRO A 275 -12.09 -4.59 9.12
C PRO A 275 -11.97 -3.57 8.01
N TYR A 276 -11.20 -2.53 8.28
CA TYR A 276 -10.95 -1.49 7.33
C TYR A 276 -10.20 -0.31 7.93
N SER A 277 -9.78 0.53 7.01
CA SER A 277 -9.07 1.75 7.31
C SER A 277 -9.93 2.76 6.51
N MET A 278 -10.32 3.81 7.21
CA MET A 278 -11.13 4.88 6.65
C MET A 278 -10.66 6.24 7.11
N GLY A 279 -10.98 7.29 6.36
CA GLY A 279 -10.58 8.64 6.75
C GLY A 279 -11.26 9.68 5.88
N TRP A 280 -11.20 10.92 6.36
CA TRP A 280 -11.79 12.03 5.66
C TRP A 280 -10.78 12.99 5.04
N HIS A 281 -11.10 13.44 3.84
CA HIS A 281 -10.28 14.38 3.10
C HIS A 281 -11.14 15.59 2.88
N GLY A 282 -10.69 16.74 3.33
CA GLY A 282 -11.47 17.95 3.17
C GLY A 282 -10.45 19.00 2.84
N ALA A 283 -10.89 20.21 2.57
CA ALA A 283 -9.98 21.27 2.25
C ALA A 283 -8.99 21.54 3.38
N PRO A 284 -7.74 21.81 2.99
CA PRO A 284 -6.71 22.09 3.99
C PRO A 284 -6.96 23.45 4.59
N PHE A 285 -6.37 23.69 5.73
CA PHE A 285 -6.59 24.99 6.31
C PHE A 285 -5.33 25.74 5.94
N ASN A 286 -5.23 26.14 4.69
CA ASN A 286 -4.01 26.82 4.37
C ASN A 286 -4.34 28.21 3.97
N GLY A 287 -5.56 28.61 4.23
CA GLY A 287 -5.87 29.95 3.84
C GLY A 287 -6.03 30.22 2.36
N GLU A 288 -6.18 29.21 1.53
CA GLU A 288 -6.33 29.54 0.13
C GLU A 288 -7.75 29.37 -0.31
N GLU A 289 -7.94 29.65 -1.59
CA GLU A 289 -9.23 29.52 -2.24
C GLU A 289 -9.20 28.00 -2.38
N ASN A 290 -10.16 27.31 -1.77
CA ASN A 290 -10.30 25.85 -1.76
C ASN A 290 -11.54 25.27 -2.44
N GLN A 291 -12.04 26.08 -3.36
CA GLN A 291 -13.22 25.75 -4.13
C GLN A 291 -13.19 24.41 -4.80
N HIS A 292 -11.99 24.10 -5.23
CA HIS A 292 -11.83 22.87 -5.93
C HIS A 292 -12.06 21.65 -5.10
N TRP A 293 -12.09 21.80 -3.80
CA TRP A 293 -12.28 20.62 -2.95
C TRP A 293 -13.68 20.10 -2.74
N GLN A 294 -13.77 18.84 -2.38
CA GLN A 294 -15.09 18.35 -2.14
C GLN A 294 -14.72 17.36 -1.09
N LEU A 295 -15.33 17.53 0.06
CA LEU A 295 -15.04 16.66 1.16
C LEU A 295 -15.47 15.27 0.85
N HIS A 296 -14.75 14.30 1.37
CA HIS A 296 -15.10 12.91 1.14
C HIS A 296 -14.34 12.00 2.07
N ALA A 297 -14.83 10.78 2.18
CA ALA A 297 -14.22 9.79 3.03
C ALA A 297 -13.92 8.52 2.22
N HIS A 298 -12.75 7.92 2.44
CA HIS A 298 -12.38 6.70 1.73
C HIS A 298 -12.45 5.58 2.74
N PHE A 299 -12.82 4.37 2.31
CA PHE A 299 -12.84 3.27 3.28
C PHE A 299 -12.06 2.22 2.53
N TYR A 300 -10.97 1.74 3.08
CA TYR A 300 -10.18 0.73 2.37
C TYR A 300 -10.21 -0.54 3.19
N PRO A 301 -11.04 -1.49 2.78
CA PRO A 301 -11.11 -2.73 3.53
C PRO A 301 -10.40 -3.87 2.84
N PRO A 302 -9.73 -4.70 3.63
CA PRO A 302 -9.00 -5.83 3.06
C PRO A 302 -9.72 -7.13 2.72
N LEU A 303 -10.88 -7.39 3.31
CA LEU A 303 -11.53 -8.65 2.98
C LEU A 303 -11.89 -8.77 1.52
N LEU A 304 -11.75 -9.99 1.06
CA LEU A 304 -12.04 -10.20 -0.31
C LEU A 304 -13.07 -11.25 -0.57
N ARG A 305 -12.88 -12.40 0.05
CA ARG A 305 -13.80 -13.51 -0.16
C ARG A 305 -14.58 -14.03 1.00
N SER A 306 -14.17 -13.67 2.19
CA SER A 306 -14.95 -14.20 3.26
C SER A 306 -14.37 -13.41 4.38
N ALA A 307 -14.75 -13.94 5.52
CA ALA A 307 -14.31 -13.37 6.76
C ALA A 307 -12.84 -13.59 6.99
N THR A 308 -12.27 -14.60 6.35
CA THR A 308 -10.86 -14.90 6.51
C THR A 308 -10.02 -14.64 5.29
N VAL A 309 -10.62 -14.66 4.11
CA VAL A 309 -9.87 -14.42 2.89
C VAL A 309 -9.86 -12.97 2.50
N ARG A 310 -8.67 -12.41 2.51
CA ARG A 310 -8.47 -11.02 2.17
C ARG A 310 -7.58 -10.89 1.00
N LYS A 311 -7.44 -9.62 0.66
CA LYS A 311 -6.65 -9.19 -0.45
C LYS A 311 -5.33 -8.70 0.13
N PHE A 312 -4.28 -9.08 -0.58
CA PHE A 312 -2.91 -8.69 -0.23
C PHE A 312 -2.42 -7.80 -1.33
N MET A 313 -2.09 -6.58 -0.94
CA MET A 313 -1.62 -5.63 -1.92
C MET A 313 -0.10 -5.68 -1.92
N VAL A 314 0.42 -6.78 -2.48
CA VAL A 314 1.84 -7.05 -2.59
C VAL A 314 2.34 -7.38 -4.00
N GLY A 315 3.61 -7.77 -4.03
CA GLY A 315 4.28 -8.14 -5.24
C GLY A 315 4.14 -7.21 -6.40
N TYR A 316 3.43 -7.72 -7.40
CA TYR A 316 3.23 -6.93 -8.58
C TYR A 316 2.65 -5.58 -8.21
N GLU A 317 1.74 -5.58 -7.24
CA GLU A 317 1.13 -4.33 -6.84
C GLU A 317 2.09 -3.35 -6.20
N MET A 318 3.08 -3.87 -5.50
CA MET A 318 4.03 -2.97 -4.88
C MET A 318 5.11 -2.53 -5.83
N LEU A 319 5.41 -3.43 -6.74
CA LEU A 319 6.45 -3.04 -7.65
C LEU A 319 5.96 -2.42 -8.89
N ALA A 320 4.68 -2.60 -9.13
CA ALA A 320 4.25 -2.00 -10.36
C ALA A 320 2.97 -1.19 -10.40
N GLU A 321 1.86 -1.88 -10.20
CA GLU A 321 0.57 -1.20 -10.25
C GLU A 321 -0.47 -1.99 -9.52
N THR A 322 -1.42 -1.29 -8.90
CA THR A 322 -2.49 -1.95 -8.17
C THR A 322 -3.27 -2.81 -9.15
N GLN A 323 -3.68 -4.00 -8.71
CA GLN A 323 -4.43 -4.87 -9.60
C GLN A 323 -5.60 -5.50 -8.89
N ARG A 324 -6.70 -5.71 -9.60
CA ARG A 324 -7.84 -6.33 -8.96
C ARG A 324 -8.52 -7.24 -9.97
N ASP A 325 -9.19 -8.27 -9.46
CA ASP A 325 -9.93 -9.24 -10.28
C ASP A 325 -11.42 -8.89 -10.22
N LEU A 326 -11.96 -8.77 -9.01
CA LEU A 326 -13.37 -8.42 -8.77
C LEU A 326 -13.55 -7.01 -9.22
N THR A 327 -14.53 -6.76 -10.07
CA THR A 327 -14.71 -5.40 -10.53
C THR A 327 -15.40 -4.50 -9.51
N ALA A 328 -15.27 -3.21 -9.68
CA ALA A 328 -15.89 -2.27 -8.77
C ALA A 328 -17.36 -2.52 -8.97
N GLU A 329 -17.76 -2.88 -10.19
CA GLU A 329 -19.18 -3.11 -10.36
C GLU A 329 -19.66 -4.35 -9.65
N GLN A 330 -18.89 -5.41 -9.73
CA GLN A 330 -19.38 -6.56 -9.05
C GLN A 330 -19.38 -6.32 -7.57
N ALA A 331 -18.42 -5.53 -7.10
CA ALA A 331 -18.34 -5.27 -5.66
C ALA A 331 -19.57 -4.57 -5.12
N ALA A 332 -19.91 -3.48 -5.79
CA ALA A 332 -21.06 -2.64 -5.47
C ALA A 332 -22.33 -3.49 -5.51
N GLU A 333 -22.39 -4.34 -6.52
CA GLU A 333 -23.54 -5.19 -6.63
C GLU A 333 -23.65 -6.14 -5.45
N ARG A 334 -22.52 -6.67 -5.00
CA ARG A 334 -22.61 -7.58 -3.87
C ARG A 334 -22.95 -6.74 -2.66
N LEU A 335 -22.47 -5.51 -2.62
CA LEU A 335 -22.81 -4.72 -1.45
C LEU A 335 -24.29 -4.32 -1.50
N ARG A 336 -24.88 -4.12 -2.67
CA ARG A 336 -26.28 -3.73 -2.69
C ARG A 336 -27.19 -4.87 -2.30
N ALA A 337 -26.69 -6.06 -2.52
CA ALA A 337 -27.44 -7.26 -2.21
C ALA A 337 -27.77 -7.53 -0.77
N VAL A 338 -26.97 -7.00 0.13
CA VAL A 338 -27.26 -7.27 1.52
C VAL A 338 -28.17 -6.19 2.13
N SER A 339 -28.59 -6.40 3.37
CA SER A 339 -29.45 -5.43 4.03
C SER A 339 -28.61 -4.30 4.61
N ASP A 340 -29.19 -3.14 4.90
CA ASP A 340 -28.41 -2.03 5.47
C ASP A 340 -28.71 -1.84 6.96
N ILE A 341 -29.19 -2.90 7.60
CA ILE A 341 -29.50 -2.87 9.02
C ILE A 341 -28.60 -3.93 9.62
N HIS A 342 -27.67 -3.51 10.47
CA HIS A 342 -26.77 -4.46 11.08
C HIS A 342 -27.37 -5.76 11.55
N PHE A 343 -26.77 -6.88 11.16
CA PHE A 343 -27.30 -8.18 11.57
C PHE A 343 -27.56 -8.33 13.02
N ARG A 344 -26.78 -7.65 13.82
CA ARG A 344 -27.05 -7.83 15.22
C ARG A 344 -28.27 -7.01 15.65
N GLU A 345 -28.65 -6.02 14.86
CA GLU A 345 -29.81 -5.23 15.22
C GLU A 345 -31.17 -5.70 14.67
N SER A 346 -31.10 -6.56 13.69
CA SER A 346 -32.30 -7.06 13.07
C SER A 346 -32.62 -8.45 13.65
N GLY A 347 -31.58 -9.19 14.02
CA GLY A 347 -31.75 -10.53 14.57
C GLY A 347 -32.01 -11.61 13.55
N VAL A 348 -32.12 -11.22 12.28
CA VAL A 348 -32.36 -12.15 11.18
C VAL A 348 -31.26 -13.22 11.12
N THR B 2 15.51 24.37 20.69
CA THR B 2 16.56 23.39 20.48
C THR B 2 17.12 23.29 19.03
N GLN B 3 18.24 22.60 18.77
CA GLN B 3 18.79 22.50 17.41
C GLN B 3 18.13 21.30 16.78
N PHE B 4 17.72 21.40 15.51
CA PHE B 4 17.08 20.25 14.89
C PHE B 4 18.00 19.05 14.87
N ASN B 5 17.47 17.89 15.21
CA ASN B 5 18.33 16.75 15.18
C ASN B 5 17.52 15.58 14.71
N PRO B 6 17.69 15.26 13.42
CA PRO B 6 16.94 14.16 12.84
C PRO B 6 17.22 12.89 13.58
N VAL B 7 18.14 12.93 14.53
CA VAL B 7 18.32 11.65 15.16
C VAL B 7 17.26 11.54 16.24
N ASP B 8 16.74 12.69 16.69
CA ASP B 8 15.73 12.70 17.76
C ASP B 8 14.39 13.29 17.37
N HIS B 9 14.45 14.19 16.41
CA HIS B 9 13.29 14.89 15.91
C HIS B 9 12.61 14.35 14.66
N PRO B 10 11.27 14.29 14.67
CA PRO B 10 10.52 13.77 13.53
C PRO B 10 10.80 14.70 12.39
N HIS B 11 10.71 14.18 11.17
CA HIS B 11 10.96 14.98 9.98
C HIS B 11 10.46 14.12 8.83
N ARG B 12 10.53 14.64 7.61
CA ARG B 12 10.08 13.85 6.44
C ARG B 12 11.26 13.73 5.48
N ARG B 13 11.48 12.55 4.92
CA ARG B 13 12.60 12.35 3.98
C ARG B 13 11.99 12.18 2.60
N TYR B 14 12.63 12.71 1.59
CA TYR B 14 12.10 12.61 0.25
C TYR B 14 12.52 11.35 -0.50
N ASN B 15 11.68 10.78 -1.36
CA ASN B 15 12.02 9.58 -2.14
C ASN B 15 12.02 10.13 -3.55
N PRO B 16 13.20 10.30 -4.11
CA PRO B 16 13.36 10.85 -5.46
C PRO B 16 12.96 9.91 -6.54
N LEU B 17 12.81 8.66 -6.17
CA LEU B 17 12.40 7.72 -7.17
C LEU B 17 10.90 7.84 -7.26
N THR B 18 10.19 8.33 -6.25
CA THR B 18 8.76 8.39 -6.41
C THR B 18 8.24 9.79 -6.23
N GLY B 19 9.10 10.68 -5.75
CA GLY B 19 8.70 12.06 -5.55
C GLY B 19 7.75 12.27 -4.40
N GLN B 20 7.75 11.32 -3.48
CA GLN B 20 6.91 11.33 -2.30
C GLN B 20 7.78 11.40 -1.03
N TRP B 21 7.21 11.83 0.10
CA TRP B 21 7.92 11.93 1.38
C TRP B 21 7.58 10.81 2.32
N ILE B 22 8.41 10.66 3.35
CA ILE B 22 8.19 9.63 4.35
C ILE B 22 8.36 10.38 5.65
N LEU B 23 7.43 10.15 6.55
CA LEU B 23 7.46 10.80 7.84
C LEU B 23 8.16 9.85 8.78
N VAL B 24 9.17 10.36 9.46
CA VAL B 24 9.95 9.55 10.38
C VAL B 24 9.81 10.15 11.77
N SER B 25 9.55 9.28 12.74
CA SER B 25 9.38 9.75 14.10
C SER B 25 10.34 8.97 14.94
N PRO B 26 11.62 9.32 14.89
CA PRO B 26 12.69 8.64 15.62
C PRO B 26 12.49 8.58 17.09
N HIS B 27 11.69 9.47 17.62
CA HIS B 27 11.52 9.38 19.05
C HIS B 27 10.74 8.19 19.48
N ARG B 28 10.07 7.56 18.54
CA ARG B 28 9.32 6.42 18.98
C ARG B 28 9.94 5.04 18.88
N ALA B 29 11.24 5.02 18.61
CA ALA B 29 11.95 3.77 18.48
C ALA B 29 13.26 3.83 19.21
N LYS B 30 13.20 4.24 20.47
CA LYS B 30 14.39 4.36 21.32
C LYS B 30 14.25 3.34 22.44
N VAL B 44 12.42 -28.05 8.26
CA VAL B 44 11.24 -28.90 8.43
C VAL B 44 10.55 -29.34 7.14
N LEU B 45 10.75 -28.61 6.06
CA LEU B 45 10.12 -28.99 4.80
C LEU B 45 10.96 -29.95 3.99
N PRO B 46 10.26 -30.81 3.27
CA PRO B 46 10.97 -31.78 2.45
C PRO B 46 11.49 -31.11 1.21
N ALA B 47 12.48 -31.75 0.63
CA ALA B 47 13.07 -31.23 -0.59
C ALA B 47 12.04 -31.45 -1.70
N HIS B 48 11.08 -32.34 -1.51
CA HIS B 48 10.08 -32.54 -2.57
C HIS B 48 8.73 -32.88 -1.97
N ASP B 49 7.65 -32.31 -2.47
CA ASP B 49 6.34 -32.63 -1.90
C ASP B 49 5.55 -33.38 -2.99
N PRO B 50 4.92 -34.51 -2.64
CA PRO B 50 4.17 -35.24 -3.66
C PRO B 50 3.01 -34.49 -4.28
N ASP B 51 2.44 -33.56 -3.54
CA ASP B 51 1.32 -32.81 -4.07
C ASP B 51 1.65 -31.40 -4.49
N CYS B 52 2.85 -30.92 -4.16
CA CYS B 52 3.20 -29.55 -4.51
C CYS B 52 2.99 -29.19 -5.99
N PHE B 53 2.12 -28.25 -6.35
CA PHE B 53 1.97 -27.95 -7.78
C PHE B 53 3.16 -27.38 -8.45
N LEU B 54 4.15 -27.05 -7.64
CA LEU B 54 5.35 -26.48 -8.19
C LEU B 54 6.55 -27.40 -8.15
N CYS B 55 6.33 -28.60 -7.61
CA CYS B 55 7.39 -29.59 -7.49
C CYS B 55 7.62 -30.30 -8.82
N ALA B 56 8.85 -30.71 -9.08
CA ALA B 56 9.14 -31.40 -10.31
C ALA B 56 8.35 -32.69 -10.46
N GLY B 57 7.86 -32.97 -11.68
CA GLY B 57 7.09 -34.17 -11.93
C GLY B 57 5.66 -34.28 -11.44
N ASN B 58 5.17 -33.22 -10.83
CA ASN B 58 3.82 -33.30 -10.36
C ASN B 58 2.97 -32.58 -11.36
N VAL B 59 1.69 -32.93 -11.24
CA VAL B 59 0.67 -32.36 -12.08
C VAL B 59 0.26 -31.07 -11.43
N ARG B 60 0.00 -30.07 -12.24
CA ARG B 60 -0.41 -28.82 -11.65
C ARG B 60 -1.92 -28.90 -11.56
N VAL B 61 -2.49 -27.87 -10.98
CA VAL B 61 -3.94 -27.82 -10.84
C VAL B 61 -4.72 -28.10 -12.12
N THR B 62 -4.20 -27.72 -13.27
CA THR B 62 -4.96 -27.97 -14.48
C THR B 62 -4.70 -29.32 -15.01
N GLY B 63 -4.02 -30.15 -14.27
CA GLY B 63 -3.83 -31.40 -14.94
C GLY B 63 -2.53 -31.35 -15.70
N ASP B 64 -1.99 -30.21 -16.11
CA ASP B 64 -0.71 -30.20 -16.83
C ASP B 64 0.43 -30.71 -15.91
N LYS B 65 1.44 -31.41 -16.43
CA LYS B 65 2.55 -31.96 -15.63
C LYS B 65 3.94 -31.30 -15.74
N ASN B 66 4.57 -31.02 -14.60
CA ASN B 66 5.88 -30.40 -14.67
C ASN B 66 6.85 -31.49 -14.93
N PRO B 67 7.87 -31.15 -15.69
CA PRO B 67 8.95 -32.06 -16.04
C PRO B 67 9.71 -32.27 -14.75
N ASP B 68 10.62 -33.21 -14.79
CA ASP B 68 11.45 -33.54 -13.65
C ASP B 68 12.60 -32.57 -13.86
N TYR B 69 12.27 -31.32 -13.65
CA TYR B 69 13.26 -30.29 -13.82
C TYR B 69 14.45 -30.15 -12.90
N THR B 70 15.45 -29.44 -13.42
CA THR B 70 16.70 -29.17 -12.74
C THR B 70 16.87 -27.65 -12.76
N GLY B 71 17.39 -27.06 -11.69
CA GLY B 71 17.52 -25.62 -11.78
C GLY B 71 16.18 -24.96 -11.79
N THR B 72 16.07 -23.83 -12.45
CA THR B 72 14.79 -23.17 -12.48
C THR B 72 13.84 -23.88 -13.42
N TYR B 73 12.56 -23.54 -13.32
CA TYR B 73 11.51 -24.10 -14.15
C TYR B 73 10.59 -22.91 -14.32
N VAL B 74 10.23 -22.55 -15.53
CA VAL B 74 9.34 -21.42 -15.66
C VAL B 74 8.14 -21.89 -16.42
N PHE B 75 6.94 -21.51 -15.99
CA PHE B 75 5.75 -21.92 -16.73
C PHE B 75 4.79 -20.74 -16.77
N THR B 76 3.93 -20.72 -17.79
CA THR B 76 2.96 -19.64 -17.93
C THR B 76 1.93 -19.82 -16.79
N ASN B 77 1.65 -18.74 -16.08
CA ASN B 77 0.71 -18.81 -14.97
C ASN B 77 -0.55 -19.47 -15.48
N ASP B 78 -1.09 -20.42 -14.73
CA ASP B 78 -2.30 -21.12 -15.14
C ASP B 78 -3.54 -20.24 -15.03
N PHE B 79 -3.39 -19.07 -14.41
CA PHE B 79 -4.52 -18.14 -14.25
C PHE B 79 -3.94 -16.76 -14.46
N ALA B 80 -3.29 -16.57 -15.59
CA ALA B 80 -2.71 -15.27 -15.82
C ALA B 80 -3.67 -14.13 -15.78
N ALA B 81 -3.18 -13.03 -15.23
CA ALA B 81 -3.95 -11.82 -15.10
C ALA B 81 -3.95 -11.01 -16.38
N LEU B 82 -3.10 -11.36 -17.36
CA LEU B 82 -3.07 -10.59 -18.57
C LEU B 82 -2.94 -11.54 -19.73
N MET B 83 -3.29 -11.08 -20.91
CA MET B 83 -3.18 -11.99 -22.03
C MET B 83 -2.65 -11.14 -23.11
N SER B 84 -2.09 -11.84 -24.07
CA SER B 84 -1.54 -11.18 -25.23
C SER B 84 -2.42 -10.61 -26.29
N ASP B 85 -3.63 -11.11 -26.41
CA ASP B 85 -4.51 -10.61 -27.45
C ASP B 85 -5.77 -9.92 -26.99
N THR B 86 -5.80 -9.41 -25.77
CA THR B 86 -6.98 -8.70 -25.31
C THR B 86 -7.24 -7.55 -26.26
N PRO B 87 -8.50 -7.30 -26.58
CA PRO B 87 -8.72 -6.21 -27.51
C PRO B 87 -8.49 -4.90 -26.88
N ASP B 88 -8.32 -3.95 -27.75
CA ASP B 88 -8.10 -2.68 -27.18
C ASP B 88 -9.33 -2.03 -26.65
N ALA B 89 -9.02 -1.12 -25.76
CA ALA B 89 -10.05 -0.37 -25.12
C ALA B 89 -10.23 0.81 -26.05
N PRO B 90 -11.45 1.35 -26.02
CA PRO B 90 -11.71 2.48 -26.89
C PRO B 90 -10.97 3.68 -26.33
N GLU B 91 -10.54 4.56 -27.22
CA GLU B 91 -9.82 5.77 -26.82
C GLU B 91 -10.74 6.71 -26.06
N SER B 92 -10.17 7.47 -25.14
CA SER B 92 -11.01 8.38 -24.39
C SER B 92 -10.16 9.39 -23.69
N HIS B 93 -10.74 10.54 -23.47
CA HIS B 93 -9.98 11.55 -22.79
C HIS B 93 -10.88 12.03 -21.63
N ASP B 94 -11.76 11.18 -21.12
CA ASP B 94 -12.62 11.61 -20.04
C ASP B 94 -11.81 11.84 -18.80
N PRO B 95 -12.03 12.97 -18.16
CA PRO B 95 -11.27 13.28 -16.96
C PRO B 95 -11.74 12.62 -15.72
N LEU B 96 -12.83 11.88 -15.78
CA LEU B 96 -13.27 11.27 -14.55
C LEU B 96 -13.34 9.77 -14.61
N MET B 97 -13.90 9.24 -15.69
CA MET B 97 -14.01 7.78 -15.78
C MET B 97 -13.41 7.42 -17.11
N ARG B 98 -12.22 6.83 -17.07
CA ARG B 98 -11.60 6.48 -18.31
C ARG B 98 -10.77 5.23 -18.14
N CYS B 99 -10.69 4.40 -19.17
CA CYS B 99 -9.89 3.19 -19.04
C CYS B 99 -8.87 3.05 -20.15
N GLN B 100 -7.96 2.11 -20.05
CA GLN B 100 -6.99 1.99 -21.12
C GLN B 100 -6.78 0.53 -21.37
N SER B 101 -6.17 0.24 -22.51
CA SER B 101 -5.98 -1.15 -22.82
C SER B 101 -4.94 -1.76 -21.93
N ALA B 102 -4.99 -3.10 -21.88
CA ALA B 102 -4.05 -3.87 -21.08
C ALA B 102 -3.75 -5.31 -21.53
N ARG B 103 -2.52 -5.57 -21.98
CA ARG B 103 -2.11 -6.89 -22.42
C ARG B 103 -0.79 -7.22 -21.75
N GLY B 104 -0.43 -8.50 -21.79
CA GLY B 104 0.80 -8.93 -21.20
C GLY B 104 0.54 -10.38 -20.92
N THR B 105 1.32 -10.94 -20.01
CA THR B 105 1.15 -12.34 -19.64
C THR B 105 1.88 -12.43 -18.32
N SER B 106 1.84 -13.58 -17.69
CA SER B 106 2.52 -13.77 -16.41
C SER B 106 3.09 -15.17 -16.33
N ARG B 107 4.24 -15.33 -15.71
CA ARG B 107 4.81 -16.65 -15.60
C ARG B 107 5.28 -16.85 -14.19
N VAL B 108 5.48 -18.11 -13.87
CA VAL B 108 5.94 -18.44 -12.55
C VAL B 108 7.33 -19.04 -12.68
N ILE B 109 8.25 -18.64 -11.81
CA ILE B 109 9.60 -19.16 -11.88
C ILE B 109 9.95 -19.92 -10.61
N CYS B 110 10.02 -21.24 -10.73
CA CYS B 110 10.37 -22.05 -9.57
C CYS B 110 11.89 -21.87 -9.47
N PHE B 111 12.42 -21.52 -8.30
CA PHE B 111 13.87 -21.31 -8.13
C PHE B 111 14.77 -22.49 -8.30
N SER B 112 14.27 -23.65 -7.84
CA SER B 112 15.03 -24.88 -7.93
C SER B 112 14.08 -25.98 -7.53
N PRO B 113 14.38 -27.22 -7.93
CA PRO B 113 13.51 -28.36 -7.61
C PRO B 113 13.37 -28.64 -6.10
N ASP B 114 14.21 -28.03 -5.28
CA ASP B 114 14.16 -28.25 -3.83
C ASP B 114 13.06 -27.38 -3.25
N HIS B 115 12.01 -28.08 -2.82
CA HIS B 115 10.83 -27.46 -2.23
C HIS B 115 11.02 -26.73 -0.89
N SER B 116 12.16 -26.99 -0.27
CA SER B 116 12.50 -26.41 1.02
C SER B 116 13.60 -25.38 1.05
N LYS B 117 14.29 -25.21 -0.06
CA LYS B 117 15.38 -24.26 -0.09
C LYS B 117 15.04 -22.89 -0.61
N THR B 118 14.96 -21.93 0.29
CA THR B 118 14.62 -20.56 -0.08
C THR B 118 15.89 -19.96 -0.60
N LEU B 119 15.79 -18.74 -1.12
CA LEU B 119 16.97 -18.07 -1.67
C LEU B 119 18.25 -18.11 -0.85
N PRO B 120 18.18 -17.60 0.39
CA PRO B 120 19.40 -17.60 1.21
C PRO B 120 20.03 -18.97 1.43
N GLU B 121 19.23 -20.01 1.20
CA GLU B 121 19.66 -21.38 1.35
C GLU B 121 20.21 -22.07 0.10
N LEU B 122 20.22 -21.35 -1.01
CA LEU B 122 20.72 -21.88 -2.27
C LEU B 122 22.21 -21.61 -2.44
N SER B 123 22.92 -22.44 -3.18
CA SER B 123 24.33 -22.17 -3.34
C SER B 123 24.43 -21.03 -4.29
N VAL B 124 25.60 -20.45 -4.34
CA VAL B 124 25.71 -19.36 -5.26
C VAL B 124 25.58 -19.82 -6.70
N ALA B 125 25.92 -21.06 -6.97
CA ALA B 125 25.80 -21.46 -8.35
C ALA B 125 24.34 -21.43 -8.72
N ALA B 126 23.53 -21.98 -7.82
CA ALA B 126 22.10 -22.07 -7.96
C ALA B 126 21.49 -20.72 -8.15
N LEU B 127 21.95 -19.78 -7.36
CA LEU B 127 21.40 -18.46 -7.52
C LEU B 127 21.88 -17.85 -8.81
N THR B 128 23.04 -18.28 -9.30
CA THR B 128 23.47 -17.67 -10.54
C THR B 128 22.54 -18.12 -11.66
N GLU B 129 22.06 -19.35 -11.56
CA GLU B 129 21.16 -19.85 -12.57
C GLU B 129 19.82 -19.06 -12.52
N ILE B 130 19.38 -18.63 -11.34
CA ILE B 130 18.14 -17.89 -11.30
C ILE B 130 18.40 -16.57 -11.97
N VAL B 131 19.53 -15.98 -11.69
CA VAL B 131 19.73 -14.72 -12.36
C VAL B 131 19.67 -14.92 -13.87
N LYS B 132 20.29 -16.00 -14.36
CA LYS B 132 20.27 -16.27 -15.80
C LYS B 132 18.83 -16.36 -16.33
N THR B 133 17.98 -17.09 -15.62
CA THR B 133 16.57 -17.26 -16.04
C THR B 133 15.91 -15.89 -16.07
N TRP B 134 16.18 -15.09 -15.04
CA TRP B 134 15.58 -13.77 -15.05
C TRP B 134 16.03 -13.00 -16.26
N GLN B 135 17.31 -13.10 -16.63
CA GLN B 135 17.80 -12.37 -17.79
C GLN B 135 17.12 -12.88 -19.06
N GLU B 136 17.04 -14.20 -19.19
CA GLU B 136 16.41 -14.75 -20.37
C GLU B 136 14.95 -14.35 -20.47
N GLN B 137 14.23 -14.46 -19.37
CA GLN B 137 12.83 -14.10 -19.45
C GLN B 137 12.67 -12.66 -19.76
N THR B 138 13.56 -11.88 -19.20
CA THR B 138 13.42 -10.47 -19.50
C THR B 138 13.74 -10.18 -20.95
N ALA B 139 14.77 -10.82 -21.50
CA ALA B 139 15.09 -10.52 -22.89
C ALA B 139 13.99 -10.93 -23.82
N GLU B 140 13.47 -12.11 -23.54
CA GLU B 140 12.42 -12.61 -24.36
C GLU B 140 11.15 -11.77 -24.31
N LEU B 141 10.61 -11.55 -23.13
CA LEU B 141 9.38 -10.76 -23.09
C LEU B 141 9.56 -9.32 -23.55
N GLY B 142 10.76 -8.82 -23.33
CA GLY B 142 10.96 -7.44 -23.72
C GLY B 142 10.91 -7.25 -25.21
N LYS B 143 10.91 -8.34 -25.96
CA LYS B 143 10.87 -8.18 -27.41
C LYS B 143 9.49 -7.77 -27.81
N THR B 144 8.55 -8.16 -26.95
CA THR B 144 7.15 -7.87 -27.18
C THR B 144 6.53 -6.78 -26.30
N TYR B 145 6.89 -6.79 -25.03
CA TYR B 145 6.35 -5.81 -24.09
C TYR B 145 7.33 -4.80 -23.55
N PRO B 146 6.90 -3.55 -23.40
CA PRO B 146 7.80 -2.52 -22.89
C PRO B 146 8.15 -2.70 -21.43
N TRP B 147 7.35 -3.41 -20.68
CA TRP B 147 7.80 -3.50 -19.32
C TRP B 147 7.79 -4.92 -18.88
N VAL B 148 8.85 -5.33 -18.20
CA VAL B 148 8.87 -6.69 -17.74
C VAL B 148 9.16 -6.57 -16.26
N GLN B 149 8.30 -7.20 -15.48
CA GLN B 149 8.49 -7.12 -14.06
C GLN B 149 8.75 -8.40 -13.37
N VAL B 150 9.98 -8.58 -12.95
CA VAL B 150 10.28 -9.80 -12.26
C VAL B 150 10.10 -9.54 -10.80
N PHE B 151 9.50 -10.48 -10.10
CA PHE B 151 9.31 -10.27 -8.69
C PHE B 151 9.24 -11.55 -7.90
N GLU B 152 9.05 -11.36 -6.60
CA GLU B 152 8.93 -12.49 -5.69
C GLU B 152 8.09 -12.02 -4.52
N ASN B 153 7.13 -12.85 -4.10
CA ASN B 153 6.28 -12.53 -2.96
C ASN B 153 6.61 -13.71 -2.12
N LYS B 154 7.27 -13.51 -1.01
CA LYS B 154 7.59 -14.67 -0.23
C LYS B 154 6.95 -14.69 1.15
N GLY B 155 6.45 -15.85 1.58
CA GLY B 155 5.86 -15.92 2.89
C GLY B 155 4.36 -15.79 2.98
N ALA B 156 3.81 -16.59 3.88
CA ALA B 156 2.38 -16.57 4.07
C ALA B 156 2.01 -15.13 4.43
N ALA B 157 2.86 -14.41 5.14
CA ALA B 157 2.48 -13.05 5.49
C ALA B 157 2.25 -12.19 4.26
N MET B 158 2.80 -12.59 3.13
CA MET B 158 2.60 -11.79 1.94
C MET B 158 1.51 -12.46 1.10
N GLY B 159 0.79 -13.36 1.74
CA GLY B 159 -0.30 -14.05 1.08
C GLY B 159 0.02 -15.17 0.14
N CYS B 160 1.30 -15.50 0.16
CA CYS B 160 1.75 -16.57 -0.69
C CYS B 160 1.16 -17.88 -0.16
N SER B 161 0.52 -18.66 -1.03
CA SER B 161 -0.08 -19.94 -0.62
C SER B 161 0.92 -21.08 -0.71
N ASN B 162 1.58 -21.19 -1.86
CA ASN B 162 2.57 -22.27 -2.04
C ASN B 162 3.92 -21.92 -1.53
N PRO B 163 4.38 -22.73 -0.62
CA PRO B 163 5.69 -22.51 -0.03
C PRO B 163 6.83 -22.87 -0.95
N HIS B 164 6.59 -23.60 -2.03
CA HIS B 164 7.70 -23.90 -2.88
C HIS B 164 8.42 -22.60 -3.24
N PRO B 165 9.73 -22.49 -2.98
CA PRO B 165 10.33 -21.20 -3.37
C PRO B 165 10.19 -20.75 -4.82
N HIS B 166 9.66 -19.56 -5.11
CA HIS B 166 9.53 -19.18 -6.51
C HIS B 166 9.26 -17.71 -6.72
N GLY B 167 9.44 -17.26 -7.95
CA GLY B 167 9.19 -15.85 -8.24
C GLY B 167 8.16 -15.75 -9.32
N GLN B 168 7.85 -14.58 -9.86
CA GLN B 168 6.85 -14.51 -10.91
C GLN B 168 7.34 -13.49 -11.87
N ILE B 169 6.86 -13.52 -13.10
CA ILE B 169 7.32 -12.51 -14.04
C ILE B 169 6.09 -12.08 -14.81
N TRP B 170 5.75 -10.81 -14.83
CA TRP B 170 4.57 -10.42 -15.59
C TRP B 170 5.06 -9.44 -16.61
N ALA B 171 4.51 -9.46 -17.82
CA ALA B 171 4.95 -8.52 -18.83
C ALA B 171 3.71 -7.71 -19.08
N ASN B 172 3.92 -6.47 -19.46
CA ASN B 172 2.84 -5.56 -19.72
C ASN B 172 3.11 -4.75 -20.91
N SER B 173 1.99 -4.50 -21.56
CA SER B 173 2.04 -3.72 -22.76
C SER B 173 2.09 -2.24 -22.43
N PHE B 174 2.08 -1.85 -21.16
CA PHE B 174 2.12 -0.43 -20.86
C PHE B 174 3.12 -0.29 -19.71
N LEU B 175 3.49 0.93 -19.35
CA LEU B 175 4.43 1.17 -18.24
C LEU B 175 3.52 1.31 -17.05
N PRO B 176 3.58 0.38 -16.08
CA PRO B 176 2.70 0.52 -14.93
C PRO B 176 3.14 1.69 -14.11
N ASN B 177 2.28 2.06 -13.20
CA ASN B 177 2.57 3.19 -12.35
C ASN B 177 3.97 3.38 -11.82
N GLU B 178 4.48 2.39 -11.12
CA GLU B 178 5.82 2.63 -10.61
C GLU B 178 6.85 2.85 -11.68
N ALA B 179 6.74 2.10 -12.77
CA ALA B 179 7.70 2.21 -13.86
C ALA B 179 7.62 3.55 -14.52
N GLU B 180 6.39 3.96 -14.80
CA GLU B 180 6.28 5.24 -15.45
C GLU B 180 6.87 6.37 -14.61
N ARG B 181 6.66 6.26 -13.32
CA ARG B 181 7.16 7.28 -12.43
C ARG B 181 8.64 7.24 -12.26
N GLU B 182 9.18 6.05 -12.03
CA GLU B 182 10.63 6.02 -11.88
C GLU B 182 11.22 6.49 -13.20
N ASP B 183 10.66 6.05 -14.31
CA ASP B 183 11.22 6.49 -15.56
C ASP B 183 11.27 7.98 -15.65
N ARG B 184 10.13 8.61 -15.39
CA ARG B 184 10.12 10.05 -15.49
C ARG B 184 11.02 10.80 -14.55
N LEU B 185 11.09 10.35 -13.31
CA LEU B 185 11.94 11.06 -12.34
C LEU B 185 13.42 10.85 -12.60
N GLN B 186 13.77 9.66 -13.05
CA GLN B 186 15.17 9.42 -13.33
C GLN B 186 15.50 10.27 -14.54
N LYS B 187 14.58 10.34 -15.48
CA LYS B 187 14.85 11.14 -16.66
C LYS B 187 15.01 12.60 -16.37
N GLU B 188 14.18 13.11 -15.48
CA GLU B 188 14.33 14.53 -15.20
C GLU B 188 15.61 14.73 -14.46
N TYR B 189 15.96 13.80 -13.58
CA TYR B 189 17.21 14.04 -12.88
C TYR B 189 18.43 13.98 -13.74
N PHE B 190 18.40 13.04 -14.66
CA PHE B 190 19.50 12.87 -15.57
C PHE B 190 19.63 14.11 -16.43
N ALA B 191 18.49 14.67 -16.79
CA ALA B 191 18.51 15.87 -17.62
C ALA B 191 19.15 17.02 -16.86
N GLU B 192 18.81 17.14 -15.58
CA GLU B 192 19.34 18.20 -14.71
C GLU B 192 20.80 17.94 -14.32
N GLN B 193 21.11 16.72 -13.93
CA GLN B 193 22.48 16.40 -13.53
C GLN B 193 23.50 15.71 -14.46
N LYS B 194 23.05 15.16 -15.59
CA LYS B 194 23.96 14.52 -16.53
C LYS B 194 24.62 13.25 -16.02
N SER B 195 23.94 12.67 -15.06
CA SER B 195 24.43 11.46 -14.47
C SER B 195 23.16 10.88 -13.91
N PRO B 196 23.13 9.57 -13.94
CA PRO B 196 21.98 8.84 -13.44
C PRO B 196 21.87 8.88 -11.93
N MET B 197 20.64 9.16 -11.58
CA MET B 197 20.23 9.26 -10.20
C MET B 197 20.70 8.13 -9.34
N LEU B 198 20.40 6.90 -9.73
CA LEU B 198 20.85 5.86 -8.86
C LEU B 198 22.34 5.52 -8.88
N VAL B 199 23.04 6.00 -9.90
CA VAL B 199 24.48 5.72 -9.96
C VAL B 199 25.12 6.66 -8.96
N ASP B 200 24.63 7.89 -8.96
CA ASP B 200 25.17 8.83 -8.04
C ASP B 200 24.72 8.35 -6.68
N TYR B 201 23.48 7.90 -6.54
CA TYR B 201 23.08 7.46 -5.22
C TYR B 201 24.01 6.39 -4.62
N VAL B 202 24.28 5.39 -5.44
CA VAL B 202 25.13 4.31 -4.98
C VAL B 202 26.54 4.73 -4.56
N GLN B 203 27.10 5.63 -5.35
CA GLN B 203 28.43 6.10 -5.06
C GLN B 203 28.34 6.93 -3.82
N ARG B 204 27.21 7.59 -3.65
CA ARG B 204 27.11 8.39 -2.46
C ARG B 204 27.07 7.53 -1.20
N GLU B 205 26.28 6.48 -1.22
CA GLU B 205 26.18 5.63 -0.06
C GLU B 205 27.43 4.80 0.09
N LEU B 206 28.01 4.41 -1.03
CA LEU B 206 29.21 3.60 -0.90
C LEU B 206 30.28 4.36 -0.14
N ALA B 207 30.20 5.66 -0.21
CA ALA B 207 31.18 6.45 0.51
C ALA B 207 30.71 6.80 1.91
N ASP B 208 29.45 6.55 2.25
CA ASP B 208 29.03 6.91 3.61
C ASP B 208 29.16 5.72 4.54
N GLY B 209 28.42 4.68 4.19
CA GLY B 209 28.42 3.47 4.99
C GLY B 209 27.25 3.39 5.93
N SER B 210 26.76 4.58 6.25
CA SER B 210 25.62 4.70 7.16
C SER B 210 24.43 3.79 6.84
N ARG B 211 24.05 3.62 5.57
CA ARG B 211 22.93 2.75 5.30
C ARG B 211 23.23 1.42 4.63
N THR B 212 24.52 1.12 4.46
CA THR B 212 24.96 -0.12 3.84
C THR B 212 24.64 -1.35 4.60
N VAL B 213 24.13 -2.32 3.89
CA VAL B 213 23.79 -3.55 4.55
C VAL B 213 24.57 -4.68 3.90
N VAL B 214 24.88 -4.54 2.61
CA VAL B 214 25.63 -5.60 1.93
C VAL B 214 26.49 -4.96 0.89
N GLU B 215 27.72 -5.43 0.75
CA GLU B 215 28.48 -4.78 -0.28
C GLU B 215 29.39 -5.84 -0.84
N THR B 216 29.43 -5.94 -2.16
CA THR B 216 30.28 -6.95 -2.81
C THR B 216 31.11 -6.20 -3.86
N GLU B 217 31.90 -6.93 -4.62
CA GLU B 217 32.69 -6.25 -5.60
C GLU B 217 31.90 -5.35 -6.54
N HIS B 218 30.78 -5.88 -7.06
CA HIS B 218 29.95 -5.13 -7.99
C HIS B 218 28.60 -4.60 -7.55
N TRP B 219 28.15 -5.07 -6.39
CA TRP B 219 26.86 -4.69 -5.82
C TRP B 219 26.88 -4.02 -4.45
N LEU B 220 25.80 -3.29 -4.14
CA LEU B 220 25.64 -2.60 -2.87
C LEU B 220 24.16 -2.70 -2.52
N ALA B 221 23.87 -2.93 -1.25
CA ALA B 221 22.50 -3.03 -0.75
C ALA B 221 22.52 -2.16 0.49
N VAL B 222 21.55 -1.26 0.52
CA VAL B 222 21.37 -0.33 1.59
C VAL B 222 19.90 -0.29 1.92
N VAL B 223 19.62 0.30 3.08
CA VAL B 223 18.27 0.47 3.57
C VAL B 223 18.27 1.88 3.01
N PRO B 224 17.64 2.08 1.85
CA PRO B 224 17.66 3.44 1.30
C PRO B 224 17.33 4.55 2.26
N TYR B 225 17.80 5.75 1.98
CA TYR B 225 17.53 6.87 2.87
C TYR B 225 16.03 7.12 3.09
N TRP B 226 15.27 6.94 2.04
CA TRP B 226 13.83 7.14 2.03
C TRP B 226 13.02 5.87 2.20
N ALA B 227 13.66 4.83 2.70
CA ALA B 227 12.92 3.60 2.87
C ALA B 227 11.63 3.81 3.59
N ALA B 228 10.68 2.97 3.22
CA ALA B 228 9.35 2.97 3.79
C ALA B 228 9.20 1.80 4.74
N TRP B 229 9.48 0.58 4.29
CA TRP B 229 9.32 -0.56 5.19
C TRP B 229 10.45 -0.56 6.20
N PRO B 230 10.23 -1.19 7.35
CA PRO B 230 11.29 -1.20 8.36
C PRO B 230 12.68 -1.57 7.91
N PHE B 231 12.80 -2.77 7.37
CA PHE B 231 14.08 -3.26 6.88
C PHE B 231 14.15 -3.33 5.39
N GLU B 232 13.37 -2.48 4.73
CA GLU B 232 13.37 -2.47 3.29
C GLU B 232 14.78 -2.16 2.76
N THR B 233 15.19 -2.75 1.63
CA THR B 233 16.52 -2.47 1.08
C THR B 233 16.42 -2.18 -0.39
N LEU B 234 17.48 -1.61 -0.95
CA LEU B 234 17.53 -1.27 -2.35
C LEU B 234 18.84 -1.95 -2.76
N LEU B 235 18.79 -2.86 -3.72
CA LEU B 235 19.98 -3.57 -4.15
C LEU B 235 20.36 -3.09 -5.53
N LEU B 236 21.61 -2.68 -5.72
CA LEU B 236 21.91 -2.22 -7.05
C LEU B 236 23.38 -2.26 -7.35
N PRO B 237 23.71 -2.28 -8.65
CA PRO B 237 25.09 -2.36 -9.09
C PRO B 237 25.84 -1.09 -8.89
N LYS B 238 27.14 -1.22 -8.71
CA LYS B 238 27.90 -0.01 -8.53
C LYS B 238 28.07 0.65 -9.86
N ALA B 239 28.09 -0.13 -10.92
CA ALA B 239 28.26 0.54 -12.18
C ALA B 239 26.93 0.71 -12.82
N HIS B 240 26.94 1.56 -13.83
CA HIS B 240 25.75 1.88 -14.58
C HIS B 240 25.36 0.68 -15.38
N VAL B 241 24.14 0.25 -15.18
CA VAL B 241 23.65 -0.90 -15.89
C VAL B 241 22.19 -0.57 -16.12
N LEU B 242 21.74 -0.70 -17.37
CA LEU B 242 20.35 -0.41 -17.69
C LEU B 242 19.30 -1.46 -17.33
N ARG B 243 19.57 -2.73 -17.63
CA ARG B 243 18.65 -3.83 -17.33
C ARG B 243 19.40 -5.00 -16.87
N ILE B 244 18.65 -5.92 -16.34
CA ILE B 244 19.34 -7.07 -15.86
C ILE B 244 20.03 -7.81 -16.94
N THR B 245 19.56 -7.62 -18.15
CA THR B 245 20.16 -8.32 -19.24
C THR B 245 21.50 -7.75 -19.59
N ASP B 246 21.81 -6.61 -19.03
CA ASP B 246 23.08 -6.02 -19.35
C ASP B 246 24.25 -6.39 -18.47
N LEU B 247 24.02 -7.10 -17.39
CA LEU B 247 25.14 -7.43 -16.53
C LEU B 247 26.18 -8.28 -17.19
N THR B 248 27.44 -8.05 -16.82
CA THR B 248 28.45 -8.89 -17.43
C THR B 248 28.30 -10.13 -16.61
N ASP B 249 28.92 -11.19 -17.09
CA ASP B 249 28.82 -12.43 -16.35
C ASP B 249 29.38 -12.34 -14.97
N ALA B 250 30.35 -11.47 -14.79
CA ALA B 250 30.93 -11.35 -13.46
C ALA B 250 29.94 -10.64 -12.56
N GLN B 251 29.30 -9.62 -13.11
CA GLN B 251 28.34 -8.89 -12.30
C GLN B 251 27.26 -9.84 -11.93
N ARG B 252 27.02 -10.71 -12.89
CA ARG B 252 26.00 -11.67 -12.69
C ARG B 252 26.23 -12.68 -11.57
N SER B 253 27.42 -13.24 -11.52
CA SER B 253 27.74 -14.22 -10.49
C SER B 253 27.83 -13.49 -9.18
N ASP B 254 28.20 -12.21 -9.25
CA ASP B 254 28.34 -11.39 -8.06
C ASP B 254 26.99 -11.02 -7.45
N LEU B 255 25.99 -10.86 -8.30
CA LEU B 255 24.66 -10.52 -7.78
C LEU B 255 24.15 -11.79 -7.08
N ALA B 256 24.50 -12.98 -7.58
CA ALA B 256 24.00 -14.16 -6.88
C ALA B 256 24.56 -14.11 -5.43
N LEU B 257 25.83 -13.83 -5.31
CA LEU B 257 26.41 -13.77 -3.99
C LEU B 257 25.76 -12.65 -3.16
N ALA B 258 25.62 -11.47 -3.73
CA ALA B 258 25.02 -10.38 -2.97
C ALA B 258 23.66 -10.79 -2.48
N LEU B 259 22.93 -11.53 -3.30
CA LEU B 259 21.61 -11.94 -2.87
C LEU B 259 21.61 -12.91 -1.73
N LYS B 260 22.56 -13.84 -1.78
CA LYS B 260 22.62 -14.83 -0.71
C LYS B 260 22.91 -14.12 0.59
N LYS B 261 23.78 -13.12 0.49
CA LYS B 261 24.17 -12.37 1.68
C LYS B 261 23.05 -11.52 2.22
N LEU B 262 22.37 -10.85 1.33
CA LEU B 262 21.29 -10.02 1.80
C LEU B 262 20.18 -10.86 2.36
N THR B 263 19.75 -11.86 1.64
CA THR B 263 18.66 -12.61 2.20
C THR B 263 19.10 -13.41 3.39
N SER B 264 20.38 -13.66 3.48
CA SER B 264 20.76 -14.42 4.66
C SER B 264 20.66 -13.45 5.84
N ARG B 265 21.10 -12.20 5.68
CA ARG B 265 21.00 -11.29 6.83
C ARG B 265 19.56 -11.12 7.24
N TYR B 266 18.68 -10.98 6.27
CA TYR B 266 17.26 -10.82 6.55
C TYR B 266 16.78 -12.01 7.39
N ASP B 267 17.12 -13.23 6.99
CA ASP B 267 16.62 -14.32 7.81
C ASP B 267 17.22 -14.38 9.21
N ASN B 268 18.46 -13.92 9.32
CA ASN B 268 19.14 -13.94 10.61
C ASN B 268 18.63 -12.93 11.63
N LEU B 269 18.09 -11.85 11.10
CA LEU B 269 17.55 -10.77 11.91
C LEU B 269 16.68 -11.31 13.02
N PHE B 270 15.74 -12.16 12.64
CA PHE B 270 14.87 -12.71 13.65
C PHE B 270 14.94 -14.19 13.61
N GLN B 271 15.98 -14.72 13.02
CA GLN B 271 16.08 -16.17 12.97
C GLN B 271 14.87 -16.88 12.44
N CYS B 272 14.42 -16.46 11.28
CA CYS B 272 13.27 -17.14 10.77
C CYS B 272 13.33 -16.85 9.29
N SER B 273 12.47 -17.50 8.54
CA SER B 273 12.43 -17.28 7.09
C SER B 273 11.68 -15.97 6.96
N PHE B 274 12.41 -14.91 6.59
CA PHE B 274 11.89 -13.55 6.42
C PHE B 274 11.01 -13.29 5.21
N PRO B 275 9.75 -12.91 5.46
CA PRO B 275 8.96 -12.67 4.26
C PRO B 275 9.19 -11.29 3.67
N TYR B 276 8.79 -11.15 2.42
CA TYR B 276 8.93 -9.89 1.72
C TYR B 276 8.37 -10.06 0.32
N SER B 277 8.41 -8.94 -0.36
CA SER B 277 7.97 -8.85 -1.73
C SER B 277 9.22 -8.11 -2.22
N MET B 278 9.78 -8.57 -3.33
CA MET B 278 10.97 -7.94 -3.90
C MET B 278 10.76 -7.96 -5.40
N GLY B 279 11.41 -7.02 -6.07
CA GLY B 279 11.29 -6.96 -7.52
C GLY B 279 12.39 -6.13 -8.19
N TRP B 280 12.53 -6.27 -9.50
CA TRP B 280 13.55 -5.52 -10.23
C TRP B 280 13.00 -4.46 -11.14
N HIS B 281 13.66 -3.30 -11.17
CA HIS B 281 13.25 -2.23 -12.02
C HIS B 281 14.47 -1.96 -12.87
N GLY B 282 14.23 -1.91 -14.17
CA GLY B 282 15.27 -1.67 -15.16
C GLY B 282 14.62 -0.88 -16.28
N ALA B 283 15.40 -0.47 -17.27
CA ALA B 283 14.85 0.28 -18.39
C ALA B 283 13.77 -0.43 -19.13
N PRO B 284 12.80 0.33 -19.58
CA PRO B 284 11.71 -0.31 -20.30
C PRO B 284 12.19 -0.60 -21.70
N PHE B 285 11.50 -1.53 -22.33
CA PHE B 285 11.94 -1.81 -23.67
C PHE B 285 11.10 -0.92 -24.51
N ASN B 286 11.41 0.36 -24.51
CA ASN B 286 10.52 1.10 -25.35
C ASN B 286 11.26 1.73 -26.45
N GLY B 287 12.48 1.29 -26.67
CA GLY B 287 13.20 1.91 -27.75
C GLY B 287 13.71 3.31 -27.58
N GLU B 288 13.60 3.93 -26.40
CA GLU B 288 14.12 5.28 -26.31
C GLU B 288 15.50 5.24 -25.64
N GLU B 289 16.14 6.42 -25.46
CA GLU B 289 17.49 6.44 -24.87
C GLU B 289 17.05 6.33 -23.39
N ASN B 290 17.62 5.34 -22.74
CA ASN B 290 17.26 5.13 -21.34
C ASN B 290 18.55 5.23 -20.51
N GLN B 291 19.54 5.96 -20.98
CA GLN B 291 20.73 6.04 -20.19
C GLN B 291 20.41 6.55 -18.79
N HIS B 292 19.25 7.19 -18.59
CA HIS B 292 18.87 7.71 -17.25
C HIS B 292 18.53 6.58 -16.28
N TRP B 293 18.32 5.38 -16.80
CA TRP B 293 18.00 4.29 -15.90
C TRP B 293 19.17 3.68 -15.19
N GLN B 294 18.83 2.96 -14.15
CA GLN B 294 19.83 2.26 -13.39
C GLN B 294 19.12 1.08 -12.78
N LEU B 295 19.55 -0.11 -13.15
CA LEU B 295 18.94 -1.30 -12.63
C LEU B 295 18.96 -1.32 -11.12
N HIS B 296 17.91 -1.87 -10.52
CA HIS B 296 17.80 -1.98 -9.07
C HIS B 296 16.67 -2.87 -8.62
N ALA B 297 16.82 -3.47 -7.44
CA ALA B 297 15.83 -4.34 -6.86
C ALA B 297 15.38 -3.70 -5.54
N HIS B 298 14.11 -3.87 -5.20
CA HIS B 298 13.56 -3.33 -3.96
C HIS B 298 13.15 -4.54 -3.18
N PHE B 299 13.25 -4.52 -1.84
CA PHE B 299 12.84 -5.65 -1.02
C PHE B 299 11.96 -4.93 -0.02
N TYR B 300 10.70 -5.29 0.10
CA TYR B 300 9.80 -4.61 1.04
C TYR B 300 9.32 -5.68 1.98
N PRO B 301 9.98 -5.79 3.11
CA PRO B 301 9.61 -6.81 4.09
C PRO B 301 8.68 -6.28 5.17
N PRO B 302 7.71 -7.09 5.61
CA PRO B 302 6.81 -6.56 6.64
C PRO B 302 7.16 -6.70 8.13
N LEU B 303 8.03 -7.64 8.50
CA LEU B 303 8.35 -7.79 9.91
C LEU B 303 8.94 -6.57 10.53
N LEU B 304 8.69 -6.39 11.81
CA LEU B 304 9.21 -5.22 12.44
C LEU B 304 9.96 -5.48 13.71
N ARG B 305 9.43 -6.36 14.54
CA ARG B 305 10.13 -6.60 15.78
C ARG B 305 10.43 -8.01 16.04
N SER B 306 9.76 -8.91 15.35
CA SER B 306 10.10 -10.26 15.68
C SER B 306 9.55 -11.06 14.56
N ALA B 307 9.64 -12.34 14.72
CA ALA B 307 9.11 -13.16 13.67
C ALA B 307 7.62 -12.96 13.62
N THR B 308 6.98 -12.55 14.68
CA THR B 308 5.55 -12.42 14.50
C THR B 308 5.15 -11.00 14.68
N VAL B 309 6.06 -10.06 14.73
CA VAL B 309 5.48 -8.75 14.90
C VAL B 309 5.74 -7.93 13.66
N ARG B 310 4.72 -7.57 12.89
CA ARG B 310 4.97 -6.79 11.67
C ARG B 310 4.54 -5.36 11.70
N LYS B 311 4.76 -4.70 10.59
CA LYS B 311 4.39 -3.32 10.47
C LYS B 311 3.12 -3.41 9.65
N PHE B 312 2.14 -2.57 9.93
CA PHE B 312 0.91 -2.62 9.16
C PHE B 312 0.96 -1.31 8.51
N MET B 313 0.73 -1.28 7.21
CA MET B 313 0.78 -0.01 6.55
C MET B 313 -0.66 0.40 6.42
N VAL B 314 -1.18 1.01 7.47
CA VAL B 314 -2.55 1.48 7.30
C VAL B 314 -2.84 2.85 7.89
N GLY B 315 -4.13 2.99 8.19
CA GLY B 315 -4.65 4.21 8.76
C GLY B 315 -4.04 5.44 8.16
N TYR B 316 -3.27 6.15 8.98
CA TYR B 316 -2.63 7.38 8.54
C TYR B 316 -1.77 7.19 7.32
N GLU B 317 -1.23 5.99 7.21
CA GLU B 317 -0.39 5.80 6.04
C GLU B 317 -1.11 5.67 4.74
N MET B 318 -2.34 5.14 4.82
CA MET B 318 -3.15 4.98 3.61
C MET B 318 -3.85 6.27 3.27
N LEU B 319 -4.15 7.03 4.31
CA LEU B 319 -4.85 8.26 4.07
C LEU B 319 -4.00 9.48 3.95
N ALA B 320 -2.76 9.36 4.43
CA ALA B 320 -1.97 10.56 4.32
C ALA B 320 -0.58 10.31 3.89
N GLU B 321 0.18 9.58 4.69
CA GLU B 321 1.54 9.40 4.25
C GLU B 321 2.26 8.35 5.06
N THR B 322 3.20 7.67 4.40
CA THR B 322 4.00 6.63 5.05
C THR B 322 4.64 7.24 6.27
N GLN B 323 4.77 6.40 7.29
CA GLN B 323 5.36 6.85 8.52
C GLN B 323 6.16 5.73 9.13
N ARG B 324 7.29 6.03 9.77
CA ARG B 324 8.06 4.97 10.38
C ARG B 324 8.67 5.43 11.67
N ASP B 325 8.93 4.54 12.61
CA ASP B 325 9.53 5.00 13.86
C ASP B 325 11.03 4.72 13.84
N LEU B 326 11.41 3.51 13.45
CA LEU B 326 12.79 3.08 13.38
C LEU B 326 13.43 3.77 12.20
N THR B 327 14.59 4.36 12.36
CA THR B 327 15.13 5.03 11.19
C THR B 327 15.86 4.11 10.28
N ALA B 328 16.10 4.62 9.08
CA ALA B 328 16.81 3.78 8.14
C ALA B 328 18.19 3.40 8.67
N GLU B 329 18.82 4.35 9.35
CA GLU B 329 20.15 4.13 9.91
C GLU B 329 20.09 3.08 10.98
N GLN B 330 19.03 3.12 11.75
CA GLN B 330 18.95 2.11 12.77
C GLN B 330 18.64 0.79 12.14
N ALA B 331 17.83 0.77 11.09
CA ALA B 331 17.55 -0.52 10.54
C ALA B 331 18.79 -1.18 9.95
N ALA B 332 19.56 -0.39 9.22
CA ALA B 332 20.77 -0.90 8.60
C ALA B 332 21.77 -1.40 9.63
N GLU B 333 21.88 -0.66 10.72
CA GLU B 333 22.81 -1.04 11.78
C GLU B 333 22.38 -2.40 12.30
N ARG B 334 21.08 -2.59 12.42
CA ARG B 334 20.65 -3.89 12.93
C ARG B 334 20.91 -4.98 11.88
N LEU B 335 20.78 -4.65 10.59
CA LEU B 335 21.02 -5.68 9.57
C LEU B 335 22.51 -6.07 9.51
N ARG B 336 23.40 -5.10 9.75
CA ARG B 336 24.86 -5.33 9.73
C ARG B 336 25.37 -6.10 10.92
N ALA B 337 24.65 -6.01 12.01
CA ALA B 337 25.02 -6.69 13.23
C ALA B 337 24.89 -8.16 13.19
N VAL B 338 24.16 -8.66 12.22
CA VAL B 338 24.07 -10.10 12.23
C VAL B 338 25.05 -10.58 11.19
N SER B 339 25.08 -11.88 11.15
CA SER B 339 25.96 -12.57 10.24
C SER B 339 25.36 -12.70 8.85
N ASP B 340 26.20 -12.77 7.82
CA ASP B 340 25.63 -12.91 6.50
C ASP B 340 25.55 -14.36 6.03
N ILE B 341 25.72 -15.31 6.95
CA ILE B 341 25.66 -16.71 6.60
C ILE B 341 24.43 -17.27 7.26
N HIS B 342 23.54 -17.78 6.43
CA HIS B 342 22.33 -18.33 7.00
C HIS B 342 22.52 -19.21 8.19
N PHE B 343 21.69 -18.91 9.17
CA PHE B 343 21.70 -19.64 10.41
C PHE B 343 21.60 -21.13 10.40
N ARG B 344 21.11 -21.67 9.29
CA ARG B 344 21.01 -23.10 9.26
C ARG B 344 22.34 -23.51 8.64
N GLU B 345 22.92 -22.64 7.82
CA GLU B 345 24.21 -22.97 7.18
C GLU B 345 25.37 -22.74 8.14
N SER B 346 25.13 -21.85 9.11
CA SER B 346 26.08 -21.48 10.14
C SER B 346 26.47 -22.69 10.99
N GLY B 347 27.58 -22.66 11.56
ZN ZN C . -12.92 -0.74 26.08
FE FE D . -9.27 11.51 -0.82
N1 U5P E . -2.95 4.41 23.05
C2 U5P E . -2.48 5.35 23.88
N3 U5P E . -2.50 5.05 25.21
C4 U5P E . -2.97 3.86 25.73
C5 U5P E . -3.46 2.91 24.78
C6 U5P E . -3.44 3.20 23.49
O2 U5P E . -2.03 6.46 23.49
O4 U5P E . -2.94 3.69 26.92
C1' U5P E . -2.96 4.65 21.59
C2' U5P E . -2.42 3.46 20.83
O2' U5P E . -0.98 3.46 20.85
C3' U5P E . -3.05 3.71 19.46
C4' U5P E . -4.34 4.41 19.81
O3' U5P E . -2.27 4.65 18.70
O4' U5P E . -4.29 4.59 21.26
C5' U5P E . -5.53 3.53 19.56
O5' U5P E . -5.74 3.62 18.15
P U5P E . -6.53 2.48 17.42
O1P U5P E . -5.98 1.14 17.73
O2P U5P E . -6.61 2.97 16.03
ZN ZN F . 7.26 -28.01 -4.28
FE FE G . 12.36 1.19 -8.50
N1 U5P H . -0.14 -21.42 -10.03
C2 U5P H . -0.46 -21.87 -11.26
N3 U5P H . -0.72 -23.21 -11.37
C4 U5P H . -0.68 -24.17 -10.36
C5 U5P H . -0.33 -23.58 -9.09
C6 U5P H . -0.08 -22.29 -8.97
O2 U5P H . -0.51 -21.06 -12.23
O4 U5P H . -0.94 -25.33 -10.57
C1' U5P H . 0.14 -19.98 -9.84
C2' U5P H . -0.64 -19.33 -8.69
O2' U5P H . -1.94 -18.89 -9.09
C3' U5P H . 0.33 -18.20 -8.36
C4' U5P H . 1.69 -18.75 -8.80
O3' U5P H . 0.02 -17.03 -9.15
O4' U5P H . 1.40 -20.07 -9.27
C5' U5P H . 2.68 -18.94 -7.66
O5' U5P H . 3.14 -17.63 -7.26
P U5P H . 3.77 -17.43 -5.82
O1P U5P H . 2.89 -17.93 -4.75
O2P U5P H . 4.16 -16.02 -5.79
#